data_2VF1
#
_entry.id   2VF1
#
_cell.length_a   407.424
_cell.length_b   407.424
_cell.length_c   808.628
_cell.angle_alpha   90.00
_cell.angle_beta   90.00
_cell.angle_gamma   120.00
#
_symmetry.space_group_name_H-M   'P 32 2 1'
#
loop_
_entity.id
_entity.type
_entity.pdbx_description
1 polymer 'CAPSID PROTEIN'
2 water water
#
_entity_poly.entity_id   1
_entity_poly.type   'polypeptide(L)'
_entity_poly.pdbx_seq_one_letter_code
;DWSWYAPSELVAKQIANVPFNVLAGTPIKASVHLRYDPSLVSGLKDQLFVGNNASIMGARLLYLPSFGISTTVLDGLSMA
ANQLYAYVRKSNSGAKVYEAPDLMMTVLAIQEAYRVLFEIRRAITFANYWNFWNKYLPKQVFEQLLAIDFDDLMSNKANY
CAQFNLMAQKINTFALPKYFKSILRMAYVSSNIFMDSDAVTGQMYAFVSSGYYRYSATTSESGTSLVYRDWPVGAAMPRK
LNRLFTVLRELLDAIYGDADAQTMFGDIYKAFGSDGLYSIAEISVDETSTPVFDVDILAQIENCTILEANAGLAWTLDSC
NVTQSKGQVLLWQPTGTITSSDNTEHIAGDIAVALGDRVLNSHIMEPQYSDVLEWTRLMATIEFDKASVTSSEKVTFKVT
SCGAELIRNVLYFKNVWNDAAEDASQRVITYFSHFSQITVTNATDDPTSAYGLMSNTLDFTQLDWHPIIYVTETSVHNVA
NLNSILIGGDLKRPTVITTDVVKRINSAANYALYYSANLLSNIST
;
_entity_poly.pdbx_strand_id   A,B
#
# COMPACT_ATOMS: atom_id res chain seq x y z
N ASP A 1 15.34 -19.26 -0.93
CA ASP A 1 16.71 -19.27 -1.54
C ASP A 1 16.62 -19.46 -3.07
N TRP A 2 17.26 -18.58 -3.83
CA TRP A 2 17.24 -18.67 -5.29
C TRP A 2 18.04 -19.85 -5.83
N SER A 3 19.05 -20.25 -5.08
CA SER A 3 19.91 -21.38 -5.45
C SER A 3 19.07 -22.60 -5.84
N TRP A 4 17.86 -22.66 -5.30
CA TRP A 4 16.96 -23.76 -5.56
C TRP A 4 16.53 -23.92 -7.01
N TYR A 5 16.39 -22.81 -7.74
CA TYR A 5 15.92 -22.90 -9.12
C TYR A 5 16.97 -22.73 -10.22
N ALA A 6 18.03 -23.52 -10.15
CA ALA A 6 19.10 -23.51 -11.14
C ALA A 6 20.22 -24.40 -10.63
N PRO A 7 20.93 -25.07 -11.54
CA PRO A 7 22.03 -25.96 -11.15
C PRO A 7 23.26 -25.20 -10.65
N SER A 8 23.89 -24.45 -11.55
CA SER A 8 25.07 -23.68 -11.20
C SER A 8 24.70 -22.21 -11.18
N GLU A 9 25.50 -21.41 -10.48
CA GLU A 9 25.23 -19.98 -10.42
C GLU A 9 25.18 -19.44 -11.84
N LEU A 10 26.28 -19.64 -12.54
CA LEU A 10 26.45 -19.18 -13.91
C LEU A 10 25.21 -19.39 -14.80
N VAL A 11 24.57 -20.55 -14.68
CA VAL A 11 23.39 -20.85 -15.48
C VAL A 11 22.19 -20.00 -15.11
N ALA A 12 22.09 -19.67 -13.84
CA ALA A 12 20.98 -18.86 -13.37
C ALA A 12 21.11 -17.44 -13.92
N LYS A 13 22.31 -16.86 -13.76
CA LYS A 13 22.62 -15.52 -14.22
C LYS A 13 22.10 -15.31 -15.66
N GLN A 14 21.74 -16.41 -16.33
CA GLN A 14 21.26 -16.35 -17.71
C GLN A 14 19.78 -16.56 -17.97
N ILE A 15 19.07 -17.25 -17.07
CA ILE A 15 17.66 -17.52 -17.29
C ILE A 15 16.67 -16.51 -16.74
N ALA A 16 17.11 -15.67 -15.82
CA ALA A 16 16.22 -14.68 -15.23
C ALA A 16 16.46 -13.26 -15.72
N ASN A 17 17.56 -13.03 -16.45
CA ASN A 17 17.86 -11.71 -16.95
C ASN A 17 16.66 -11.02 -17.55
N VAL A 18 16.04 -10.11 -16.79
CA VAL A 18 14.90 -9.38 -17.31
C VAL A 18 15.25 -7.90 -17.25
N PRO A 19 14.90 -7.17 -18.30
CA PRO A 19 15.19 -5.75 -18.35
C PRO A 19 14.17 -4.91 -17.57
N PHE A 20 14.66 -3.87 -16.92
CA PHE A 20 13.77 -2.97 -16.18
C PHE A 20 13.79 -1.65 -16.94
N ASN A 21 13.95 -1.78 -18.25
CA ASN A 21 14.02 -0.65 -19.17
C ASN A 21 12.72 0.12 -19.37
N VAL A 22 11.72 -0.14 -18.54
CA VAL A 22 10.47 0.60 -18.69
C VAL A 22 10.57 1.87 -17.82
N LEU A 23 11.13 2.91 -18.42
CA LEU A 23 11.34 4.19 -17.78
C LEU A 23 10.13 4.70 -17.01
N ALA A 24 10.38 5.66 -16.14
CA ALA A 24 9.36 6.27 -15.30
C ALA A 24 8.05 6.59 -15.99
N GLY A 25 8.03 7.74 -16.66
CA GLY A 25 6.83 8.19 -17.34
C GLY A 25 6.28 7.42 -18.53
N THR A 26 6.99 6.40 -19.02
CA THR A 26 6.48 5.65 -20.17
C THR A 26 5.27 4.83 -19.72
N PRO A 27 4.51 4.28 -20.68
CA PRO A 27 3.34 3.48 -20.32
C PRO A 27 3.69 2.05 -19.95
N ILE A 28 2.93 1.50 -19.01
CA ILE A 28 3.11 0.13 -18.55
C ILE A 28 2.23 -0.77 -19.41
N LYS A 29 2.68 -1.09 -20.61
CA LYS A 29 1.88 -1.90 -21.53
C LYS A 29 1.58 -3.32 -21.02
N ALA A 30 0.85 -3.40 -19.90
CA ALA A 30 0.45 -4.69 -19.32
C ALA A 30 -0.89 -5.08 -19.95
N SER A 31 -1.07 -6.37 -20.23
CA SER A 31 -2.32 -6.81 -20.88
C SER A 31 -3.21 -7.80 -20.15
N VAL A 32 -4.52 -7.65 -20.37
CA VAL A 32 -5.53 -8.51 -19.77
C VAL A 32 -6.41 -9.07 -20.89
N HIS A 33 -6.40 -10.40 -21.10
CA HIS A 33 -7.23 -10.98 -22.15
C HIS A 33 -8.66 -11.09 -21.62
N LEU A 34 -9.64 -10.96 -22.52
CA LEU A 34 -11.06 -11.02 -22.17
C LEU A 34 -11.89 -11.94 -23.04
N ARG A 35 -13.01 -12.40 -22.49
CA ARG A 35 -13.91 -13.27 -23.22
C ARG A 35 -15.34 -13.04 -22.74
N TYR A 36 -16.19 -12.56 -23.64
CA TYR A 36 -17.58 -12.29 -23.35
C TYR A 36 -18.41 -12.52 -24.61
N ASP A 37 -19.70 -12.17 -24.54
CA ASP A 37 -20.60 -12.32 -25.68
C ASP A 37 -20.95 -10.92 -26.19
N PRO A 38 -20.26 -10.47 -27.26
CA PRO A 38 -20.48 -9.14 -27.85
C PRO A 38 -21.92 -8.62 -27.88
N SER A 39 -22.89 -9.52 -28.07
CA SER A 39 -24.29 -9.12 -28.14
C SER A 39 -24.92 -8.79 -26.78
N LEU A 40 -24.19 -9.05 -25.69
CA LEU A 40 -24.72 -8.77 -24.36
C LEU A 40 -23.94 -7.71 -23.60
N VAL A 41 -22.94 -7.12 -24.26
CA VAL A 41 -22.11 -6.09 -23.66
C VAL A 41 -22.24 -4.75 -24.39
N SER A 42 -22.74 -3.74 -23.68
CA SER A 42 -22.96 -2.39 -24.22
C SER A 42 -22.09 -1.98 -25.43
N GLY A 43 -20.85 -1.56 -25.19
CA GLY A 43 -20.02 -1.13 -26.31
C GLY A 43 -18.56 -1.53 -26.40
N LEU A 44 -18.03 -2.18 -25.37
CA LEU A 44 -16.63 -2.61 -25.35
C LEU A 44 -16.32 -3.36 -26.66
N LYS A 45 -15.28 -2.92 -27.37
CA LYS A 45 -14.96 -3.55 -28.65
C LYS A 45 -13.98 -4.72 -28.69
N ASP A 46 -12.69 -4.49 -28.41
CA ASP A 46 -11.76 -5.62 -28.46
C ASP A 46 -11.93 -6.56 -27.26
N GLN A 47 -11.11 -7.61 -27.21
CA GLN A 47 -11.11 -8.58 -26.11
C GLN A 47 -9.70 -8.64 -25.52
N LEU A 48 -8.95 -7.57 -25.73
CA LEU A 48 -7.58 -7.46 -25.22
C LEU A 48 -7.36 -6.02 -24.76
N PHE A 49 -6.88 -5.86 -23.55
CA PHE A 49 -6.63 -4.54 -23.00
C PHE A 49 -5.17 -4.31 -22.71
N VAL A 50 -4.55 -3.43 -23.48
CA VAL A 50 -3.15 -3.11 -23.29
C VAL A 50 -3.13 -1.84 -22.45
N GLY A 51 -2.29 -1.83 -21.42
CA GLY A 51 -2.19 -0.68 -20.56
C GLY A 51 -1.56 0.50 -21.26
N ASN A 52 -1.71 1.68 -20.65
CA ASN A 52 -1.16 2.90 -21.22
C ASN A 52 -1.02 3.96 -20.12
N ASN A 53 -0.93 3.52 -18.87
CA ASN A 53 -0.77 4.43 -17.74
C ASN A 53 0.64 4.20 -17.22
N ALA A 54 1.35 5.29 -16.93
CA ALA A 54 2.70 5.17 -16.40
C ALA A 54 2.57 5.03 -14.90
N SER A 55 3.66 4.66 -14.24
CA SER A 55 3.61 4.53 -12.79
C SER A 55 3.32 5.94 -12.30
N ILE A 56 2.54 6.07 -11.25
CA ILE A 56 2.21 7.39 -10.72
C ILE A 56 3.47 8.20 -10.44
N MET A 57 3.43 9.47 -10.81
CA MET A 57 4.55 10.38 -10.62
C MET A 57 4.75 10.73 -9.15
N GLY A 58 3.69 11.19 -8.51
CA GLY A 58 3.79 11.55 -7.11
C GLY A 58 2.53 12.27 -6.69
N ALA A 59 2.58 12.97 -5.57
CA ALA A 59 1.39 13.66 -5.11
C ALA A 59 1.67 15.08 -4.64
N ARG A 60 0.72 15.97 -4.90
CA ARG A 60 0.85 17.37 -4.53
C ARG A 60 0.07 17.64 -3.26
N LEU A 61 0.79 18.07 -2.24
CA LEU A 61 0.16 18.39 -0.97
C LEU A 61 -0.13 19.88 -0.91
N LEU A 62 -1.33 20.26 -1.34
CA LEU A 62 -1.68 21.67 -1.30
C LEU A 62 -2.03 22.00 0.14
N TYR A 63 -1.16 22.79 0.78
CA TYR A 63 -1.35 23.16 2.18
C TYR A 63 -1.55 24.65 2.43
N LEU A 64 -2.17 24.96 3.56
CA LEU A 64 -2.40 26.33 3.95
C LEU A 64 -1.42 26.61 5.08
N PRO A 65 -0.48 27.54 4.88
CA PRO A 65 0.48 27.83 5.94
C PRO A 65 -0.27 28.10 7.22
N SER A 66 0.13 27.44 8.31
CA SER A 66 -0.55 27.61 9.59
C SER A 66 0.31 27.95 10.80
N PHE A 67 -0.26 28.74 11.70
CA PHE A 67 0.41 29.14 12.93
C PHE A 67 -0.24 28.41 14.09
N GLY A 68 -1.23 27.59 13.78
CA GLY A 68 -1.92 26.85 14.82
C GLY A 68 -3.11 27.57 15.40
N ILE A 69 -4.29 27.03 15.17
CA ILE A 69 -5.53 27.60 15.66
C ILE A 69 -5.30 28.41 16.94
N SER A 70 -5.55 29.72 16.86
CA SER A 70 -5.35 30.62 18.00
C SER A 70 -6.59 31.38 18.44
N THR A 71 -7.09 31.04 19.64
CA THR A 71 -8.28 31.70 20.19
C THR A 71 -8.05 32.38 21.53
N THR A 72 -7.09 31.89 22.32
CA THR A 72 -6.81 32.49 23.62
C THR A 72 -5.39 32.99 23.70
N VAL A 73 -5.13 33.82 24.71
CA VAL A 73 -3.80 34.37 24.92
C VAL A 73 -2.78 33.26 25.14
N LEU A 74 -3.25 32.09 25.57
CA LEU A 74 -2.39 30.94 25.82
C LEU A 74 -1.73 30.42 24.55
N ASP A 75 -2.48 30.41 23.45
CA ASP A 75 -1.97 29.89 22.19
C ASP A 75 -0.66 30.50 21.68
N GLY A 76 0.02 29.71 20.85
CA GLY A 76 1.31 30.06 20.28
C GLY A 76 1.69 31.51 20.05
N LEU A 77 1.17 32.08 18.98
CA LEU A 77 1.50 33.45 18.60
C LEU A 77 1.49 34.45 19.75
N SER A 78 0.32 34.66 20.35
CA SER A 78 0.17 35.60 21.45
C SER A 78 1.34 35.49 22.44
N MET A 79 1.63 34.27 22.87
CA MET A 79 2.71 34.01 23.83
C MET A 79 4.07 34.47 23.33
N ALA A 80 4.45 34.03 22.14
CA ALA A 80 5.74 34.41 21.59
C ALA A 80 5.81 35.93 21.51
N ALA A 81 4.77 36.54 20.94
CA ALA A 81 4.68 37.99 20.80
C ALA A 81 5.05 38.65 22.11
N ASN A 82 4.63 38.01 23.19
CA ASN A 82 4.88 38.49 24.52
C ASN A 82 6.38 38.48 24.84
N GLN A 83 6.98 37.29 24.97
CA GLN A 83 8.39 37.20 25.28
C GLN A 83 9.28 37.92 24.26
N LEU A 84 8.78 38.12 23.05
CA LEU A 84 9.56 38.79 22.03
C LEU A 84 9.69 40.27 22.34
N TYR A 85 8.55 40.97 22.37
CA TYR A 85 8.56 42.41 22.67
C TYR A 85 9.38 42.67 23.92
N ALA A 86 9.39 41.70 24.82
CA ALA A 86 10.14 41.82 26.05
C ALA A 86 11.62 41.90 25.72
N TYR A 87 12.17 40.80 25.19
CA TYR A 87 13.59 40.74 24.85
C TYR A 87 14.07 41.99 24.13
N VAL A 88 13.15 42.70 23.46
CA VAL A 88 13.51 43.91 22.75
C VAL A 88 13.53 45.14 23.64
N ARG A 89 12.47 45.35 24.41
CA ARG A 89 12.43 46.50 25.31
C ARG A 89 13.62 46.40 26.25
N LYS A 90 13.98 45.16 26.57
CA LYS A 90 15.11 44.83 27.45
C LYS A 90 16.32 45.69 27.10
N SER A 91 16.70 45.69 25.82
CA SER A 91 17.86 46.43 25.35
C SER A 91 17.56 47.89 25.00
N ASN A 92 16.29 48.25 25.00
CA ASN A 92 15.92 49.61 24.66
C ASN A 92 15.68 50.45 25.90
N SER A 93 15.19 51.67 25.69
CA SER A 93 14.90 52.60 26.78
C SER A 93 14.02 53.73 26.26
N GLY A 94 13.36 54.43 27.18
CA GLY A 94 12.53 55.56 26.81
C GLY A 94 11.20 55.34 26.12
N ALA A 95 10.63 56.43 25.63
CA ALA A 95 9.33 56.43 24.93
C ALA A 95 8.93 55.12 24.22
N LYS A 96 7.65 54.77 24.31
CA LYS A 96 7.14 53.56 23.65
C LYS A 96 6.74 53.95 22.23
N VAL A 97 7.05 53.10 21.25
CA VAL A 97 6.71 53.45 19.86
C VAL A 97 5.72 52.58 19.11
N TYR A 98 5.65 51.31 19.49
CA TYR A 98 4.76 50.36 18.84
C TYR A 98 4.32 49.32 19.86
N GLU A 99 3.07 48.86 19.74
CA GLU A 99 2.54 47.87 20.68
C GLU A 99 3.16 46.51 20.35
N ALA A 100 3.04 45.56 21.29
CA ALA A 100 3.60 44.23 21.10
C ALA A 100 3.07 43.46 19.89
N PRO A 101 1.75 43.37 19.75
CA PRO A 101 1.15 42.65 18.61
C PRO A 101 1.65 43.20 17.29
N ASP A 102 1.47 44.51 17.13
CA ASP A 102 1.89 45.22 15.92
C ASP A 102 3.32 44.82 15.54
N LEU A 103 4.12 44.45 16.53
CA LEU A 103 5.51 44.05 16.28
C LEU A 103 5.50 42.62 15.79
N MET A 104 5.09 41.71 16.68
CA MET A 104 5.02 40.29 16.38
C MET A 104 4.40 40.02 15.01
N MET A 105 3.38 40.81 14.69
CA MET A 105 2.69 40.69 13.42
C MET A 105 3.72 40.87 12.31
N THR A 106 4.41 42.00 12.37
CA THR A 106 5.43 42.33 11.39
C THR A 106 6.36 41.13 11.18
N VAL A 107 6.90 40.59 12.27
CA VAL A 107 7.80 39.45 12.19
C VAL A 107 7.23 38.32 11.34
N LEU A 108 6.04 37.86 11.68
CA LEU A 108 5.41 36.80 10.91
C LEU A 108 5.39 37.16 9.44
N ALA A 109 4.91 38.36 9.14
CA ALA A 109 4.84 38.84 7.75
C ALA A 109 6.16 38.52 7.04
N ILE A 110 7.26 38.75 7.77
CA ILE A 110 8.59 38.48 7.24
C ILE A 110 8.80 36.99 7.06
N GLN A 111 8.33 36.21 8.02
CA GLN A 111 8.47 34.76 7.92
C GLN A 111 7.73 34.29 6.68
N GLU A 112 6.46 34.64 6.57
CA GLU A 112 5.67 34.23 5.44
C GLU A 112 6.27 34.70 4.13
N ALA A 113 7.01 35.81 4.19
CA ALA A 113 7.67 36.30 2.99
C ALA A 113 8.72 35.28 2.59
N TYR A 114 9.50 34.84 3.57
CA TYR A 114 10.54 33.84 3.30
C TYR A 114 9.90 32.56 2.76
N ARG A 115 8.71 32.23 3.24
CA ARG A 115 7.99 31.04 2.77
C ARG A 115 8.01 31.03 1.24
N VAL A 116 7.54 32.13 0.66
CA VAL A 116 7.51 32.27 -0.78
C VAL A 116 8.91 32.13 -1.33
N LEU A 117 9.80 33.00 -0.88
CA LEU A 117 11.18 32.98 -1.35
C LEU A 117 11.72 31.55 -1.35
N PHE A 118 11.47 30.82 -0.27
CA PHE A 118 11.94 29.45 -0.16
C PHE A 118 11.41 28.53 -1.24
N GLU A 119 10.11 28.59 -1.50
CA GLU A 119 9.53 27.74 -2.53
C GLU A 119 10.25 28.07 -3.84
N ILE A 120 10.69 29.31 -3.97
CA ILE A 120 11.42 29.74 -5.16
C ILE A 120 12.80 29.09 -5.17
N ARG A 121 13.44 29.05 -4.00
CA ARG A 121 14.75 28.41 -3.89
C ARG A 121 14.53 27.01 -4.42
N ARG A 122 13.58 26.30 -3.82
CA ARG A 122 13.24 24.95 -4.24
C ARG A 122 13.15 24.87 -5.76
N ALA A 123 12.38 25.78 -6.35
CA ALA A 123 12.17 25.84 -7.80
C ALA A 123 13.44 25.81 -8.63
N ILE A 124 14.43 26.58 -8.21
CA ILE A 124 15.68 26.66 -8.93
C ILE A 124 16.65 25.54 -8.58
N THR A 125 16.82 25.29 -7.29
CA THR A 125 17.72 24.26 -6.81
C THR A 125 17.42 22.92 -7.47
N PHE A 126 16.16 22.71 -7.85
CA PHE A 126 15.73 21.46 -8.46
C PHE A 126 15.61 21.50 -9.99
N ALA A 127 15.87 22.66 -10.57
CA ALA A 127 15.78 22.83 -12.02
C ALA A 127 16.76 21.98 -12.82
N ASN A 128 17.72 21.37 -12.16
CA ASN A 128 18.72 20.58 -12.87
C ASN A 128 18.83 19.13 -12.44
N TYR A 129 17.89 18.64 -11.64
CA TYR A 129 17.98 17.24 -11.27
C TYR A 129 17.40 16.41 -12.39
N TRP A 130 18.22 15.51 -12.91
CA TRP A 130 17.80 14.60 -13.97
C TRP A 130 18.34 13.24 -13.56
N ASN A 131 17.51 12.20 -13.68
CA ASN A 131 17.98 10.87 -13.34
C ASN A 131 17.48 9.91 -14.39
N PHE A 132 18.19 9.87 -15.51
CA PHE A 132 17.88 9.01 -16.65
C PHE A 132 16.59 8.21 -16.49
N TRP A 133 16.61 7.29 -15.54
CA TRP A 133 15.50 6.38 -15.22
C TRP A 133 14.11 6.97 -15.04
N ASN A 134 14.00 8.28 -14.83
CA ASN A 134 12.70 8.89 -14.61
C ASN A 134 12.37 10.09 -15.51
N LYS A 135 11.74 9.82 -16.65
CA LYS A 135 11.41 10.87 -17.60
C LYS A 135 10.47 11.95 -17.05
N TYR A 136 9.75 11.66 -15.96
CA TYR A 136 8.84 12.66 -15.40
C TYR A 136 9.64 13.87 -14.97
N LEU A 137 10.55 13.58 -14.05
CA LEU A 137 11.40 14.57 -13.39
C LEU A 137 11.76 15.91 -14.00
N PRO A 138 12.90 15.98 -14.70
CA PRO A 138 13.23 17.29 -15.26
C PRO A 138 12.07 18.30 -15.29
N LYS A 139 11.13 18.09 -16.21
CA LYS A 139 9.97 18.97 -16.43
C LYS A 139 8.72 18.60 -15.65
N GLN A 140 7.88 17.80 -16.30
CA GLN A 140 6.62 17.30 -15.77
C GLN A 140 6.35 17.54 -14.30
N VAL A 141 7.30 17.16 -13.44
CA VAL A 141 7.13 17.36 -12.01
C VAL A 141 6.89 18.80 -11.62
N PHE A 142 7.65 19.71 -12.23
CA PHE A 142 7.48 21.12 -11.96
C PHE A 142 6.06 21.52 -12.34
N GLU A 143 5.67 21.14 -13.55
CA GLU A 143 4.35 21.46 -14.06
C GLU A 143 3.22 21.02 -13.14
N GLN A 144 3.27 19.79 -12.65
CA GLN A 144 2.21 19.28 -11.79
C GLN A 144 2.45 19.34 -10.27
N LEU A 145 3.56 18.76 -9.81
CA LEU A 145 3.87 18.75 -8.39
C LEU A 145 4.17 20.10 -7.76
N LEU A 146 4.90 20.95 -8.46
CA LEU A 146 5.25 22.26 -7.93
C LEU A 146 4.41 23.39 -8.48
N ALA A 147 3.80 23.16 -9.65
CA ALA A 147 2.96 24.15 -10.30
C ALA A 147 3.81 25.30 -10.82
N ILE A 148 4.95 24.96 -11.42
CA ILE A 148 5.85 26.00 -11.96
C ILE A 148 6.23 25.77 -13.42
N ASP A 149 6.10 26.81 -14.25
CA ASP A 149 6.43 26.72 -15.68
C ASP A 149 7.90 26.42 -15.82
N PHE A 150 8.22 25.15 -16.04
CA PHE A 150 9.60 24.73 -16.19
C PHE A 150 10.27 25.41 -17.38
N ASP A 151 9.68 25.27 -18.57
CA ASP A 151 10.27 25.88 -19.76
C ASP A 151 10.70 27.32 -19.48
N ASP A 152 9.81 28.11 -18.89
CA ASP A 152 10.11 29.51 -18.58
C ASP A 152 11.31 29.66 -17.64
N LEU A 153 11.38 28.82 -16.62
CA LEU A 153 12.48 28.87 -15.65
C LEU A 153 13.80 28.45 -16.28
N MET A 154 13.77 27.33 -16.99
CA MET A 154 14.97 26.81 -17.64
C MET A 154 15.54 27.83 -18.61
N SER A 155 14.67 28.43 -19.41
CA SER A 155 15.07 29.43 -20.40
C SER A 155 15.67 30.68 -19.79
N ASN A 156 15.26 31.02 -18.58
CA ASN A 156 15.78 32.21 -17.93
C ASN A 156 16.54 31.92 -16.62
N LYS A 157 17.09 30.72 -16.52
CA LYS A 157 17.82 30.29 -15.32
C LYS A 157 18.81 31.34 -14.80
N ALA A 158 19.44 32.08 -15.69
CA ALA A 158 20.39 33.09 -15.25
C ALA A 158 19.71 34.22 -14.48
N ASN A 159 18.92 35.03 -15.19
CA ASN A 159 18.24 36.15 -14.58
C ASN A 159 17.42 35.75 -13.36
N TYR A 160 16.78 34.58 -13.39
CA TYR A 160 15.98 34.16 -12.26
C TYR A 160 16.87 33.93 -11.04
N CYS A 161 18.04 33.33 -11.25
CA CYS A 161 18.97 33.09 -10.14
C CYS A 161 19.33 34.42 -9.52
N ALA A 162 19.75 35.35 -10.37
CA ALA A 162 20.12 36.66 -9.90
C ALA A 162 18.99 37.32 -9.12
N GLN A 163 17.85 37.54 -9.76
CA GLN A 163 16.72 38.18 -9.09
C GLN A 163 16.48 37.56 -7.72
N PHE A 164 16.82 36.28 -7.58
CA PHE A 164 16.67 35.58 -6.30
C PHE A 164 17.68 36.12 -5.30
N ASN A 165 18.96 35.91 -5.58
CA ASN A 165 20.02 36.37 -4.69
C ASN A 165 19.80 37.83 -4.31
N LEU A 166 19.23 38.61 -5.23
CA LEU A 166 18.95 40.01 -4.92
C LEU A 166 18.02 40.02 -3.70
N MET A 167 16.94 39.27 -3.82
CA MET A 167 15.95 39.15 -2.76
C MET A 167 16.64 38.79 -1.44
N ALA A 168 17.42 37.71 -1.47
CA ALA A 168 18.13 37.24 -0.28
C ALA A 168 18.89 38.33 0.46
N GLN A 169 19.45 39.27 -0.30
CA GLN A 169 20.20 40.36 0.29
C GLN A 169 19.27 41.41 0.83
N LYS A 170 18.26 41.74 0.04
CA LYS A 170 17.28 42.76 0.39
C LYS A 170 16.39 42.36 1.57
N ILE A 171 16.08 41.07 1.68
CA ILE A 171 15.23 40.60 2.76
C ILE A 171 16.06 40.46 4.03
N ASN A 172 17.38 40.30 3.86
CA ASN A 172 18.29 40.15 4.98
C ASN A 172 18.27 41.44 5.79
N THR A 173 17.80 42.53 5.17
CA THR A 173 17.73 43.83 5.84
C THR A 173 16.41 43.96 6.58
N PHE A 174 15.63 42.88 6.59
CA PHE A 174 14.36 42.84 7.31
C PHE A 174 14.63 41.91 8.47
N ALA A 175 14.90 42.49 9.64
CA ALA A 175 15.20 41.72 10.85
C ALA A 175 14.31 40.51 11.00
N LEU A 176 14.83 39.48 11.67
CA LEU A 176 14.08 38.25 11.92
C LEU A 176 14.99 37.35 12.70
N PRO A 177 14.70 37.18 13.99
CA PRO A 177 15.46 36.33 14.91
C PRO A 177 15.57 34.86 14.48
N LYS A 178 16.80 34.36 14.36
CA LYS A 178 17.03 32.99 13.93
C LYS A 178 16.69 31.93 14.97
N TYR A 179 16.02 32.33 16.06
CA TYR A 179 15.69 31.39 17.11
C TYR A 179 14.37 30.65 16.92
N PHE A 180 13.46 31.25 16.14
CA PHE A 180 12.15 30.68 15.88
C PHE A 180 12.20 29.32 15.21
N LYS A 181 12.12 28.27 16.01
CA LYS A 181 12.17 26.92 15.47
C LYS A 181 11.14 26.73 14.34
N SER A 182 10.08 27.53 14.32
CA SER A 182 9.06 27.42 13.26
C SER A 182 9.67 27.60 11.87
N ILE A 183 10.66 28.47 11.77
CA ILE A 183 11.32 28.72 10.50
C ILE A 183 11.91 27.43 9.97
N LEU A 184 12.79 26.83 10.76
CA LEU A 184 13.44 25.58 10.38
C LEU A 184 12.45 24.63 9.74
N ARG A 185 11.23 24.64 10.25
CA ARG A 185 10.18 23.78 9.70
C ARG A 185 9.86 24.18 8.27
N MET A 186 9.05 25.22 8.11
CA MET A 186 8.67 25.68 6.79
C MET A 186 9.84 25.64 5.80
N ALA A 187 11.04 25.96 6.27
CA ALA A 187 12.23 25.94 5.42
C ALA A 187 12.44 24.55 4.82
N TYR A 188 12.48 23.55 5.69
CA TYR A 188 12.67 22.16 5.28
C TYR A 188 11.51 21.66 4.44
N VAL A 189 10.29 22.03 4.83
CA VAL A 189 9.07 21.59 4.15
C VAL A 189 8.95 22.06 2.72
N SER A 190 9.35 23.29 2.47
CA SER A 190 9.23 23.80 1.12
C SER A 190 10.58 24.04 0.49
N SER A 191 11.57 23.27 0.90
CA SER A 191 12.88 23.43 0.30
C SER A 191 13.28 22.15 -0.40
N ASN A 192 12.59 21.05 -0.07
CA ASN A 192 12.89 19.76 -0.71
C ASN A 192 11.68 19.08 -1.31
N ILE A 193 11.92 17.87 -1.80
CA ILE A 193 10.91 17.00 -2.39
C ILE A 193 11.22 15.63 -1.79
N PHE A 194 10.19 14.92 -1.35
CA PHE A 194 10.41 13.64 -0.71
C PHE A 194 10.00 12.42 -1.53
N MET A 195 10.71 11.30 -1.34
CA MET A 195 10.45 10.08 -2.09
C MET A 195 9.69 9.09 -1.20
N ASP A 196 8.88 8.22 -1.80
CA ASP A 196 8.15 7.24 -1.00
C ASP A 196 9.04 6.02 -0.78
N SER A 197 10.24 6.06 -1.36
CA SER A 197 11.19 4.98 -1.24
C SER A 197 12.59 5.43 -1.64
N ASP A 198 13.59 4.62 -1.30
CA ASP A 198 14.99 4.90 -1.60
C ASP A 198 15.26 4.81 -3.10
N ALA A 199 14.20 4.60 -3.88
CA ALA A 199 14.30 4.47 -5.32
C ALA A 199 13.79 5.67 -6.08
N VAL A 200 14.55 6.07 -7.09
CA VAL A 200 14.21 7.22 -7.91
C VAL A 200 13.01 6.96 -8.82
N THR A 201 12.83 5.72 -9.26
CA THR A 201 11.70 5.38 -10.13
C THR A 201 10.42 5.33 -9.32
N GLY A 202 10.57 5.49 -8.01
CA GLY A 202 9.43 5.47 -7.13
C GLY A 202 8.72 6.80 -7.22
N GLN A 203 7.49 6.85 -6.71
CA GLN A 203 6.72 8.07 -6.73
C GLN A 203 7.24 9.01 -5.64
N MET A 204 6.86 10.28 -5.71
CA MET A 204 7.30 11.26 -4.72
C MET A 204 6.32 12.38 -4.38
N TYR A 205 6.36 12.84 -3.11
CA TYR A 205 5.49 13.89 -2.61
C TYR A 205 6.20 15.24 -2.51
N ALA A 206 5.41 16.31 -2.59
CA ALA A 206 5.90 17.68 -2.49
C ALA A 206 4.86 18.57 -1.81
N PHE A 207 5.32 19.52 -0.99
CA PHE A 207 4.39 20.43 -0.32
C PHE A 207 4.31 21.72 -1.09
N VAL A 208 3.11 22.30 -1.19
CA VAL A 208 2.97 23.56 -1.91
C VAL A 208 2.01 24.52 -1.25
N SER A 209 2.52 25.69 -0.86
CA SER A 209 1.67 26.69 -0.22
C SER A 209 0.53 27.02 -1.17
N SER A 210 -0.67 27.15 -0.62
CA SER A 210 -1.84 27.45 -1.43
C SER A 210 -2.06 28.96 -1.42
N GLY A 211 -1.14 29.68 -0.79
CA GLY A 211 -1.25 31.12 -0.72
C GLY A 211 -0.09 31.82 -0.02
N TYR A 212 -0.30 33.08 0.31
CA TYR A 212 0.73 33.88 0.98
C TYR A 212 0.09 34.83 2.01
N TYR A 213 0.90 35.72 2.60
CA TYR A 213 0.39 36.68 3.59
C TYR A 213 1.02 38.08 3.49
N ARG A 214 0.21 39.10 3.22
CA ARG A 214 0.77 40.44 3.19
C ARG A 214 0.31 41.15 4.47
N TYR A 215 1.12 42.10 4.92
CA TYR A 215 0.82 42.87 6.11
C TYR A 215 -0.20 43.95 5.69
N SER A 216 -1.26 44.14 6.47
CA SER A 216 -2.26 45.17 6.14
C SER A 216 -2.32 46.15 7.31
N ALA A 217 -1.55 47.23 7.18
CA ALA A 217 -1.45 48.28 8.21
C ALA A 217 -2.76 48.73 8.82
N THR A 218 -2.69 49.22 10.05
CA THR A 218 -3.86 49.72 10.79
C THR A 218 -4.69 50.62 9.89
N THR A 219 -5.85 50.13 9.45
CA THR A 219 -6.73 50.94 8.61
C THR A 219 -7.40 51.98 9.53
N SER A 220 -8.73 51.92 9.67
CA SER A 220 -9.42 52.87 10.54
C SER A 220 -10.14 52.14 11.69
N GLU A 221 -10.55 50.89 11.43
CA GLU A 221 -11.27 50.05 12.41
C GLU A 221 -10.41 48.84 12.83
N SER A 222 -10.26 47.88 11.92
CA SER A 222 -9.47 46.69 12.18
C SER A 222 -8.05 47.15 12.51
N GLY A 223 -7.59 46.91 13.75
CA GLY A 223 -6.23 47.30 14.11
C GLY A 223 -5.28 46.62 13.14
N THR A 224 -3.98 46.80 13.29
CA THR A 224 -3.04 46.16 12.36
C THR A 224 -3.41 44.69 12.19
N SER A 225 -3.25 44.15 10.98
CA SER A 225 -3.61 42.76 10.74
C SER A 225 -2.83 42.11 9.60
N LEU A 226 -2.87 40.79 9.53
CA LEU A 226 -2.14 40.02 8.50
C LEU A 226 -3.07 39.29 7.52
N VAL A 227 -3.26 39.85 6.32
CA VAL A 227 -4.15 39.29 5.29
C VAL A 227 -3.62 38.12 4.48
N TYR A 228 -4.53 37.23 4.09
CA TYR A 228 -4.21 36.07 3.28
C TYR A 228 -5.01 36.07 1.97
N ARG A 229 -4.31 36.05 0.85
CA ARG A 229 -4.96 35.99 -0.45
C ARG A 229 -4.50 34.65 -1.03
N ASP A 230 -5.33 34.03 -1.85
CA ASP A 230 -5.03 32.73 -2.44
C ASP A 230 -4.08 32.74 -3.63
N TRP A 231 -3.29 31.68 -3.73
CA TRP A 231 -2.39 31.49 -4.87
C TRP A 231 -3.40 31.04 -5.90
N PRO A 232 -3.56 31.77 -6.99
CA PRO A 232 -4.56 31.08 -7.80
C PRO A 232 -3.88 29.75 -8.26
N VAL A 233 -4.04 28.64 -7.50
CA VAL A 233 -3.36 27.37 -7.81
C VAL A 233 -4.08 26.14 -8.38
N GLY A 234 -4.85 25.45 -7.54
CA GLY A 234 -5.57 24.26 -7.98
C GLY A 234 -6.07 24.24 -9.42
N ALA A 235 -5.68 23.21 -10.16
CA ALA A 235 -6.07 23.02 -11.56
C ALA A 235 -6.29 24.30 -12.41
N ALA A 236 -5.23 25.08 -12.59
CA ALA A 236 -5.27 26.30 -13.40
C ALA A 236 -4.00 26.27 -14.24
N MET A 237 -3.51 27.43 -14.67
CA MET A 237 -2.28 27.46 -15.45
C MET A 237 -1.07 27.23 -14.55
N PRO A 238 -0.10 26.40 -14.99
CA PRO A 238 1.09 26.15 -14.17
C PRO A 238 2.05 27.33 -14.12
N ARG A 239 1.73 28.30 -13.27
CA ARG A 239 2.45 29.57 -13.04
C ARG A 239 3.97 29.71 -13.29
N LYS A 240 4.36 30.79 -13.98
CA LYS A 240 5.75 31.12 -14.29
C LYS A 240 6.37 31.71 -13.02
N LEU A 241 7.70 31.70 -12.89
CA LEU A 241 8.30 32.27 -11.69
C LEU A 241 8.14 33.79 -11.58
N ASN A 242 8.20 34.51 -12.70
CA ASN A 242 8.07 35.96 -12.63
C ASN A 242 6.85 36.36 -11.80
N ARG A 243 5.90 35.44 -11.66
CA ARG A 243 4.68 35.70 -10.88
C ARG A 243 4.98 35.51 -9.40
N LEU A 244 5.92 34.62 -9.08
CA LEU A 244 6.28 34.38 -7.69
C LEU A 244 7.12 35.50 -7.11
N PHE A 245 7.80 36.22 -7.99
CA PHE A 245 8.61 37.32 -7.55
C PHE A 245 7.69 38.52 -7.46
N THR A 246 7.02 38.82 -8.57
CA THR A 246 6.12 39.96 -8.60
C THR A 246 5.18 39.93 -7.39
N VAL A 247 5.02 38.77 -6.76
CA VAL A 247 4.16 38.69 -5.56
C VAL A 247 4.99 39.04 -4.34
N LEU A 248 6.20 38.50 -4.26
CA LEU A 248 7.07 38.79 -3.15
C LEU A 248 7.26 40.30 -3.09
N ARG A 249 7.44 40.92 -4.27
CA ARG A 249 7.60 42.39 -4.40
C ARG A 249 6.50 42.98 -3.52
N GLU A 250 5.25 42.71 -3.93
CA GLU A 250 4.07 43.18 -3.23
C GLU A 250 4.14 42.86 -1.73
N LEU A 251 4.63 41.67 -1.42
CA LEU A 251 4.73 41.19 -0.04
C LEU A 251 5.56 42.05 0.90
N LEU A 252 6.75 42.48 0.44
CA LEU A 252 7.61 43.29 1.26
C LEU A 252 7.22 44.77 1.19
N ASP A 253 6.60 45.16 0.08
CA ASP A 253 6.15 46.54 -0.07
C ASP A 253 5.21 46.79 1.09
N ALA A 254 4.53 45.72 1.50
CA ALA A 254 3.59 45.78 2.61
C ALA A 254 4.35 45.93 3.93
N ILE A 255 5.13 44.91 4.25
CA ILE A 255 5.94 44.87 5.48
C ILE A 255 6.69 46.17 5.69
N TYR A 256 7.08 46.79 4.59
CA TYR A 256 7.86 48.01 4.57
C TYR A 256 7.10 49.31 4.72
N GLY A 257 5.91 49.39 4.14
CA GLY A 257 5.13 50.61 4.20
C GLY A 257 4.63 51.12 5.54
N ASP A 258 4.87 50.38 6.63
CA ASP A 258 4.39 50.82 7.93
C ASP A 258 5.31 51.85 8.55
N ALA A 259 4.74 52.99 8.95
CA ALA A 259 5.52 54.08 9.56
C ALA A 259 6.48 53.57 10.63
N ASP A 260 5.98 52.71 11.51
CA ASP A 260 6.79 52.18 12.58
C ASP A 260 7.85 51.20 12.06
N ALA A 261 7.44 50.33 11.14
CA ALA A 261 8.34 49.32 10.56
C ALA A 261 9.83 49.48 10.80
N GLN A 262 10.53 50.22 9.94
CA GLN A 262 11.98 50.43 10.05
C GLN A 262 12.49 50.54 11.48
N THR A 263 12.04 51.56 12.19
CA THR A 263 12.48 51.76 13.55
C THR A 263 12.32 50.47 14.38
N MET A 264 11.47 49.54 13.93
CA MET A 264 11.30 48.26 14.62
C MET A 264 12.58 47.46 14.41
N PHE A 265 12.92 47.24 13.14
CA PHE A 265 14.13 46.49 12.79
C PHE A 265 15.30 46.97 13.62
N GLY A 266 15.54 48.28 13.58
CA GLY A 266 16.63 48.84 14.35
C GLY A 266 16.61 48.36 15.79
N ASP A 267 15.44 48.48 16.42
CA ASP A 267 15.26 48.05 17.79
C ASP A 267 15.54 46.56 17.94
N ILE A 268 15.28 45.82 16.86
CA ILE A 268 15.54 44.37 16.85
C ILE A 268 17.02 44.10 16.83
N TYR A 269 17.70 44.76 15.90
CA TYR A 269 19.13 44.59 15.80
C TYR A 269 19.73 44.93 17.16
N LYS A 270 19.35 46.05 17.76
CA LYS A 270 19.92 46.41 19.07
C LYS A 270 19.73 45.29 20.11
N ALA A 271 18.77 44.39 19.86
CA ALA A 271 18.49 43.29 20.80
C ALA A 271 19.31 42.03 20.56
N PHE A 272 19.20 41.43 19.37
CA PHE A 272 19.99 40.24 19.04
C PHE A 272 21.09 40.73 18.10
N GLY A 273 22.26 40.11 18.11
CA GLY A 273 23.31 40.56 17.22
C GLY A 273 23.03 40.20 15.77
N SER A 274 23.91 40.62 14.85
CA SER A 274 23.71 40.27 13.46
C SER A 274 23.69 38.73 13.42
N ASP A 275 24.35 38.13 14.41
CA ASP A 275 24.45 36.68 14.55
C ASP A 275 23.16 36.06 15.07
N GLY A 276 22.23 36.92 15.47
CA GLY A 276 20.97 36.43 15.99
C GLY A 276 19.84 36.50 14.98
N LEU A 277 20.13 36.96 13.77
CA LEU A 277 19.10 37.06 12.74
C LEU A 277 19.24 36.07 11.62
N TYR A 278 18.10 35.61 11.12
CA TYR A 278 18.08 34.65 10.02
C TYR A 278 18.50 35.34 8.74
N SER A 279 18.94 34.54 7.78
CA SER A 279 19.37 35.04 6.49
C SER A 279 19.71 33.82 5.70
N ILE A 280 19.30 33.79 4.43
CA ILE A 280 19.60 32.65 3.60
C ILE A 280 20.85 32.88 2.79
N ALA A 281 21.53 31.78 2.52
CA ALA A 281 22.75 31.82 1.75
C ALA A 281 22.41 31.96 0.28
N GLU A 282 23.27 32.65 -0.47
CA GLU A 282 23.07 32.86 -1.89
C GLU A 282 23.38 31.58 -2.66
N ILE A 283 22.89 31.48 -3.89
CA ILE A 283 23.12 30.27 -4.69
C ILE A 283 23.60 30.54 -6.09
N SER A 284 24.27 29.55 -6.69
CA SER A 284 24.81 29.69 -8.03
C SER A 284 24.02 28.87 -9.04
N VAL A 285 24.13 29.27 -10.29
CA VAL A 285 23.46 28.60 -11.39
C VAL A 285 23.58 27.07 -11.33
N ASP A 286 24.69 26.61 -10.77
CA ASP A 286 24.97 25.17 -10.68
C ASP A 286 24.38 24.43 -9.48
N GLU A 287 23.98 25.15 -8.44
CA GLU A 287 23.41 24.52 -7.25
C GLU A 287 22.28 23.58 -7.65
N THR A 288 22.35 22.34 -7.20
CA THR A 288 21.34 21.34 -7.52
C THR A 288 21.06 20.46 -6.32
N SER A 289 19.83 20.54 -5.77
CA SER A 289 19.50 19.70 -4.63
C SER A 289 18.87 18.39 -5.09
N THR A 290 18.80 17.41 -4.19
CA THR A 290 18.27 16.10 -4.53
C THR A 290 17.03 15.71 -3.76
N PRO A 291 16.17 14.89 -4.37
CA PRO A 291 14.95 14.43 -3.70
C PRO A 291 15.45 13.70 -2.47
N VAL A 292 14.70 13.74 -1.38
CA VAL A 292 15.16 13.07 -0.17
C VAL A 292 14.21 11.99 0.33
N PHE A 293 14.79 11.02 1.03
CA PHE A 293 14.01 9.94 1.59
C PHE A 293 13.96 10.10 3.10
N ASP A 294 12.99 10.87 3.59
CA ASP A 294 12.86 11.08 5.03
C ASP A 294 11.70 10.24 5.53
N VAL A 295 12.03 9.21 6.30
CA VAL A 295 11.02 8.32 6.86
C VAL A 295 10.00 9.11 7.67
N ASP A 296 10.49 9.92 8.60
CA ASP A 296 9.62 10.71 9.45
C ASP A 296 8.59 11.51 8.63
N ILE A 297 9.03 12.25 7.62
CA ILE A 297 8.09 13.02 6.81
C ILE A 297 7.01 12.13 6.22
N LEU A 298 7.38 10.99 5.66
CA LEU A 298 6.38 10.10 5.09
C LEU A 298 5.36 9.76 6.17
N ALA A 299 5.86 9.31 7.31
CA ALA A 299 4.98 8.96 8.42
C ALA A 299 4.03 10.10 8.71
N GLN A 300 4.57 11.32 8.80
CA GLN A 300 3.75 12.50 9.07
C GLN A 300 2.55 12.47 8.12
N ILE A 301 2.84 12.18 6.86
CA ILE A 301 1.82 12.09 5.83
C ILE A 301 0.83 10.96 6.06
N GLU A 302 1.31 9.73 6.01
CA GLU A 302 0.46 8.56 6.21
C GLU A 302 -0.59 8.86 7.28
N ASN A 303 -0.20 9.62 8.30
CA ASN A 303 -1.09 9.94 9.41
C ASN A 303 -1.96 11.18 9.25
N CYS A 304 -1.44 12.17 8.53
CA CYS A 304 -2.15 13.44 8.31
C CYS A 304 -3.67 13.35 8.12
N THR A 305 -4.26 14.54 7.98
CA THR A 305 -5.69 14.70 7.79
C THR A 305 -5.95 15.65 6.63
N ILE A 306 -6.74 15.22 5.64
CA ILE A 306 -7.06 16.08 4.48
C ILE A 306 -8.29 16.87 4.84
N LEU A 307 -8.23 18.19 4.68
CA LEU A 307 -9.38 19.03 5.00
C LEU A 307 -10.51 18.67 4.06
N GLU A 308 -10.23 18.85 2.77
CA GLU A 308 -11.18 18.52 1.72
C GLU A 308 -11.23 16.97 1.70
N ALA A 309 -11.85 16.42 2.76
CA ALA A 309 -11.99 14.99 2.98
C ALA A 309 -12.47 14.12 1.83
N ASN A 310 -13.19 14.72 0.89
CA ASN A 310 -13.68 13.98 -0.28
C ASN A 310 -13.95 14.98 -1.41
N ALA A 311 -13.15 14.92 -2.47
CA ALA A 311 -13.26 15.84 -3.59
C ALA A 311 -14.61 15.85 -4.32
N GLY A 312 -15.48 14.91 -3.98
CA GLY A 312 -16.78 14.87 -4.62
C GLY A 312 -17.62 16.10 -4.28
N LEU A 313 -17.27 16.73 -3.16
CA LEU A 313 -17.98 17.91 -2.70
C LEU A 313 -17.25 19.20 -3.06
N ALA A 314 -17.89 20.32 -2.78
CA ALA A 314 -17.33 21.63 -3.07
C ALA A 314 -16.94 22.29 -1.76
N TRP A 315 -15.65 22.62 -1.63
CA TRP A 315 -15.17 23.23 -0.40
C TRP A 315 -14.81 24.69 -0.52
N THR A 316 -14.87 25.39 0.60
CA THR A 316 -14.56 26.80 0.64
C THR A 316 -13.68 27.13 1.85
N LEU A 317 -13.15 28.33 1.91
CA LEU A 317 -12.30 28.72 3.03
C LEU A 317 -12.20 30.24 3.21
N ASP A 318 -12.63 30.73 4.36
CA ASP A 318 -12.61 32.16 4.67
C ASP A 318 -12.07 32.44 6.05
N SER A 319 -12.08 33.70 6.44
CA SER A 319 -11.61 34.12 7.75
C SER A 319 -10.21 33.59 8.03
N CYS A 320 -9.39 33.52 7.00
CA CYS A 320 -8.03 33.02 7.12
C CYS A 320 -7.03 34.08 7.56
N ASN A 321 -7.50 35.30 7.69
CA ASN A 321 -6.61 36.37 8.12
C ASN A 321 -6.17 36.15 9.56
N VAL A 322 -5.27 37.00 10.00
CA VAL A 322 -4.75 36.97 11.37
C VAL A 322 -4.98 38.35 11.93
N THR A 323 -5.90 38.44 12.89
CA THR A 323 -6.23 39.73 13.50
C THR A 323 -5.79 39.81 14.95
N GLN A 324 -5.99 40.98 15.56
CA GLN A 324 -5.64 41.16 16.95
C GLN A 324 -6.88 41.61 17.72
N SER A 325 -7.16 40.95 18.84
CA SER A 325 -8.34 41.29 19.62
C SER A 325 -8.23 42.63 20.31
N LYS A 326 -9.39 43.19 20.63
CA LYS A 326 -9.50 44.45 21.34
C LYS A 326 -8.46 44.45 22.47
N GLY A 327 -8.18 43.24 22.99
CA GLY A 327 -7.22 43.08 24.06
C GLY A 327 -5.87 42.48 23.71
N GLN A 328 -5.29 42.91 22.59
CA GLN A 328 -3.97 42.45 22.14
C GLN A 328 -3.70 40.96 21.95
N VAL A 329 -4.75 40.15 21.81
CA VAL A 329 -4.55 38.71 21.62
C VAL A 329 -4.58 38.38 20.13
N LEU A 330 -3.55 37.67 19.66
CA LEU A 330 -3.48 37.30 18.24
C LEU A 330 -4.46 36.21 17.87
N LEU A 331 -5.36 36.50 16.93
CA LEU A 331 -6.37 35.53 16.52
C LEU A 331 -6.29 35.04 15.08
N TRP A 332 -6.47 33.73 14.93
CA TRP A 332 -6.48 33.08 13.63
C TRP A 332 -7.23 31.77 13.79
N GLN A 333 -8.18 31.53 12.91
CA GLN A 333 -8.98 30.31 12.93
C GLN A 333 -9.78 30.34 11.65
N PRO A 334 -9.40 29.51 10.69
CA PRO A 334 -10.12 29.47 9.42
C PRO A 334 -11.47 28.75 9.49
N THR A 335 -12.45 29.30 8.79
CA THR A 335 -13.79 28.71 8.72
C THR A 335 -14.07 28.40 7.26
N GLY A 336 -14.88 27.37 7.02
CA GLY A 336 -15.20 26.99 5.66
C GLY A 336 -16.65 26.60 5.45
N THR A 337 -16.99 26.24 4.21
CA THR A 337 -18.34 25.85 3.86
C THR A 337 -18.34 24.66 2.91
N ILE A 338 -19.10 23.63 3.28
CA ILE A 338 -19.21 22.43 2.48
C ILE A 338 -20.54 22.45 1.74
N THR A 339 -20.47 22.33 0.41
CA THR A 339 -21.67 22.37 -0.43
C THR A 339 -21.58 21.31 -1.53
N SER A 340 -22.72 21.01 -2.18
CA SER A 340 -22.73 20.01 -3.26
C SER A 340 -22.17 20.50 -4.59
N SER A 341 -21.49 19.60 -5.31
CA SER A 341 -20.87 19.95 -6.59
C SER A 341 -21.81 20.41 -7.70
N ASP A 342 -23.12 20.39 -7.44
CA ASP A 342 -24.11 20.84 -8.43
C ASP A 342 -24.62 22.24 -8.12
N ASN A 343 -25.43 22.35 -7.07
CA ASN A 343 -25.95 23.65 -6.64
C ASN A 343 -24.90 24.22 -5.68
N THR A 344 -23.88 24.87 -6.25
CA THR A 344 -22.78 25.47 -5.47
C THR A 344 -23.24 26.33 -4.29
N GLU A 345 -24.55 26.45 -4.10
CA GLU A 345 -25.09 27.26 -3.03
C GLU A 345 -25.78 26.45 -1.91
N HIS A 346 -26.30 25.27 -2.25
CA HIS A 346 -26.97 24.43 -1.25
C HIS A 346 -26.14 23.17 -1.01
N ILE A 347 -26.67 22.27 -0.19
CA ILE A 347 -25.99 21.02 0.11
C ILE A 347 -26.84 19.89 -0.45
N ALA A 348 -28.15 20.10 -0.45
CA ALA A 348 -29.12 19.13 -0.96
C ALA A 348 -28.91 17.71 -0.45
N GLY A 349 -29.08 16.75 -1.36
CA GLY A 349 -28.94 15.35 -1.00
C GLY A 349 -27.56 14.76 -0.85
N ASP A 350 -26.55 15.59 -0.57
CA ASP A 350 -25.19 15.07 -0.38
C ASP A 350 -24.87 15.04 1.11
N ILE A 351 -23.77 14.37 1.48
CA ILE A 351 -23.37 14.23 2.89
C ILE A 351 -22.01 14.83 3.24
N ALA A 352 -21.98 15.72 4.22
CA ALA A 352 -20.74 16.36 4.65
C ALA A 352 -19.96 15.43 5.59
N VAL A 353 -18.63 15.49 5.55
CA VAL A 353 -17.82 14.61 6.40
C VAL A 353 -16.53 15.26 6.91
N ALA A 354 -16.05 14.78 8.05
CA ALA A 354 -14.80 15.24 8.67
C ALA A 354 -14.54 14.17 9.71
N LEU A 355 -13.28 13.81 9.94
CA LEU A 355 -13.08 12.78 10.93
C LEU A 355 -12.74 13.31 12.30
N GLY A 356 -13.24 12.59 13.30
CA GLY A 356 -12.99 12.92 14.68
C GLY A 356 -11.95 11.91 15.11
N ASP A 357 -12.28 11.10 16.11
CA ASP A 357 -11.35 10.07 16.59
C ASP A 357 -10.73 9.33 15.38
N ARG A 358 -9.45 9.58 15.12
CA ARG A 358 -8.76 8.97 13.99
C ARG A 358 -7.65 8.02 14.39
N VAL A 359 -7.07 7.39 13.38
CA VAL A 359 -6.00 6.44 13.60
C VAL A 359 -4.61 7.06 13.52
N LEU A 360 -3.65 6.38 14.14
CA LEU A 360 -2.25 6.79 14.18
C LEU A 360 -1.44 5.51 13.92
N ASN A 361 -0.68 5.49 12.83
CA ASN A 361 0.08 4.29 12.49
C ASN A 361 1.58 4.46 12.54
N SER A 362 2.21 3.63 13.38
CA SER A 362 3.65 3.63 13.55
C SER A 362 4.30 2.53 12.72
N HIS A 363 5.41 2.84 12.06
CA HIS A 363 6.09 1.84 11.26
C HIS A 363 7.25 1.22 12.06
N ILE A 364 7.19 1.41 13.36
CA ILE A 364 8.18 0.89 14.32
C ILE A 364 7.43 0.14 15.41
N MET A 365 7.86 -1.08 15.69
CA MET A 365 7.20 -1.89 16.70
C MET A 365 7.01 -1.18 18.04
N GLU A 366 8.12 -0.78 18.66
CA GLU A 366 8.09 -0.09 19.95
C GLU A 366 8.21 1.43 19.73
N PRO A 367 7.08 2.11 19.46
CA PRO A 367 7.14 3.55 19.25
C PRO A 367 7.28 4.23 20.60
N GLN A 368 7.61 5.50 20.59
CA GLN A 368 7.79 6.22 21.84
C GLN A 368 7.28 7.65 21.73
N TYR A 369 6.85 8.24 22.85
CA TYR A 369 6.32 9.61 22.87
C TYR A 369 6.99 10.53 21.88
N SER A 370 8.31 10.44 21.80
CA SER A 370 9.10 11.26 20.88
C SER A 370 8.55 11.12 19.46
N ASP A 371 8.58 9.89 18.95
CA ASP A 371 8.10 9.61 17.61
C ASP A 371 6.65 10.03 17.42
N VAL A 372 5.85 9.97 18.49
CA VAL A 372 4.44 10.36 18.39
C VAL A 372 4.36 11.81 17.98
N LEU A 373 4.90 12.66 18.83
CA LEU A 373 4.90 14.07 18.58
C LEU A 373 5.26 14.40 17.13
N GLU A 374 6.39 13.88 16.64
CA GLU A 374 6.80 14.16 15.27
C GLU A 374 5.84 13.64 14.21
N TRP A 375 5.40 12.40 14.35
CA TRP A 375 4.49 11.81 13.37
C TRP A 375 3.07 12.36 13.39
N THR A 376 2.81 13.36 14.21
CA THR A 376 1.47 13.91 14.32
C THR A 376 1.13 15.14 13.50
N ARG A 377 1.27 16.29 14.13
CA ARG A 377 0.94 17.57 13.52
C ARG A 377 1.23 17.69 12.02
N LEU A 378 0.22 17.23 11.30
CA LEU A 378 0.13 17.24 9.87
C LEU A 378 -1.31 16.81 9.79
N MET A 379 -1.82 16.36 10.94
CA MET A 379 -3.21 15.96 11.06
C MET A 379 -3.90 17.03 11.88
N ALA A 380 -5.15 17.34 11.51
CA ALA A 380 -5.91 18.37 12.21
C ALA A 380 -7.34 17.95 12.46
N THR A 381 -8.09 18.81 13.15
CA THR A 381 -9.48 18.53 13.46
C THR A 381 -10.46 19.59 12.98
N ILE A 382 -11.59 19.13 12.46
CA ILE A 382 -12.63 20.01 11.99
C ILE A 382 -13.89 19.73 12.81
N GLU A 383 -14.58 20.78 13.22
CA GLU A 383 -15.80 20.62 14.02
C GLU A 383 -16.91 21.34 13.26
N PHE A 384 -18.09 20.73 13.23
CA PHE A 384 -19.21 21.35 12.54
C PHE A 384 -19.84 22.36 13.48
N ASP A 385 -20.32 23.46 12.91
CA ASP A 385 -20.93 24.49 13.72
C ASP A 385 -22.34 24.16 14.18
N LYS A 386 -23.22 23.84 13.23
CA LYS A 386 -24.61 23.55 13.54
C LYS A 386 -24.85 22.14 14.05
N ALA A 387 -25.92 21.99 14.83
CA ALA A 387 -26.30 20.70 15.39
C ALA A 387 -26.65 19.78 14.19
N SER A 388 -27.64 20.19 13.41
CA SER A 388 -28.10 19.45 12.21
C SER A 388 -28.40 20.46 11.08
N VAL A 389 -28.56 19.97 9.84
CA VAL A 389 -28.80 20.86 8.69
C VAL A 389 -29.90 20.51 7.68
N THR A 390 -30.25 21.46 6.80
CA THR A 390 -31.30 21.32 5.78
C THR A 390 -30.84 21.39 4.31
N SER A 391 -31.54 20.68 3.42
CA SER A 391 -31.21 20.65 2.00
C SER A 391 -31.00 22.04 1.40
N SER A 392 -31.66 23.04 1.95
CA SER A 392 -31.55 24.41 1.45
C SER A 392 -30.36 25.19 2.00
N GLU A 393 -29.76 24.70 3.08
CA GLU A 393 -28.61 25.37 3.73
C GLU A 393 -27.22 24.98 3.23
N LYS A 394 -26.22 25.55 3.89
CA LYS A 394 -24.80 25.30 3.62
C LYS A 394 -24.25 24.63 4.91
N VAL A 395 -23.18 23.85 4.80
CA VAL A 395 -22.62 23.23 6.01
C VAL A 395 -21.43 24.05 6.51
N THR A 396 -21.63 24.71 7.63
CA THR A 396 -20.61 25.56 8.22
C THR A 396 -19.69 24.81 9.18
N PHE A 397 -18.41 25.16 9.17
CA PHE A 397 -17.42 24.53 10.05
C PHE A 397 -16.23 25.43 10.39
N LYS A 398 -15.67 25.18 11.57
CA LYS A 398 -14.50 25.90 12.07
C LYS A 398 -13.40 24.83 12.16
N VAL A 399 -12.14 25.25 12.23
CA VAL A 399 -11.04 24.29 12.37
C VAL A 399 -10.62 24.35 13.84
N THR A 400 -10.91 23.30 14.61
CA THR A 400 -10.57 23.29 16.03
C THR A 400 -9.07 23.34 16.32
N SER A 401 -8.28 22.69 15.48
CA SER A 401 -6.83 22.68 15.68
C SER A 401 -6.14 21.99 14.51
N CYS A 402 -4.83 22.15 14.44
CA CYS A 402 -4.04 21.56 13.36
C CYS A 402 -2.56 21.78 13.59
N GLY A 403 -1.74 21.38 12.61
CA GLY A 403 -0.30 21.53 12.75
C GLY A 403 0.33 22.75 12.11
N ALA A 404 1.59 22.59 11.70
CA ALA A 404 2.33 23.68 11.07
C ALA A 404 1.77 24.01 9.68
N GLU A 405 1.36 22.98 8.96
CA GLU A 405 0.79 23.13 7.62
C GLU A 405 -0.58 22.44 7.58
N LEU A 406 -1.57 23.11 7.01
CA LEU A 406 -2.90 22.53 6.93
C LEU A 406 -3.12 21.94 5.56
N ILE A 407 -3.27 20.62 5.51
CA ILE A 407 -3.46 19.94 4.24
C ILE A 407 -4.86 20.18 3.68
N ARG A 408 -4.96 20.94 2.59
CA ARG A 408 -6.25 21.24 1.98
C ARG A 408 -6.75 20.12 1.05
N ASN A 409 -6.07 19.89 -0.06
CA ASN A 409 -6.47 18.82 -0.96
C ASN A 409 -5.22 18.09 -1.38
N VAL A 410 -5.39 16.92 -1.98
CA VAL A 410 -4.24 16.16 -2.42
C VAL A 410 -4.51 15.53 -3.76
N LEU A 411 -3.60 15.77 -4.71
CA LEU A 411 -3.74 15.22 -6.04
C LEU A 411 -2.53 14.37 -6.42
N TYR A 412 -2.78 13.21 -7.03
CA TYR A 412 -1.69 12.37 -7.48
C TYR A 412 -1.78 12.33 -9.00
N PHE A 413 -0.63 12.37 -9.67
CA PHE A 413 -0.62 12.40 -11.12
C PHE A 413 0.10 11.21 -11.75
N LYS A 414 -0.24 10.96 -13.01
CA LYS A 414 0.31 9.87 -13.81
C LYS A 414 -0.06 10.32 -15.21
N ASN A 415 0.82 10.15 -16.19
CA ASN A 415 0.37 10.54 -17.51
C ASN A 415 -0.08 9.30 -18.27
N VAL A 416 -1.17 9.45 -19.01
CA VAL A 416 -1.74 8.37 -19.80
C VAL A 416 -1.29 8.58 -21.24
N TRP A 417 -0.92 7.50 -21.91
CA TRP A 417 -0.43 7.55 -23.27
C TRP A 417 -1.41 7.17 -24.38
N ASN A 418 -1.17 7.74 -25.55
CA ASN A 418 -2.00 7.47 -26.71
C ASN A 418 -1.23 7.82 -27.99
N ASP A 419 -0.21 7.01 -28.32
CA ASP A 419 0.55 7.27 -29.54
C ASP A 419 -0.48 7.30 -30.66
N ALA A 420 -0.17 8.03 -31.73
CA ALA A 420 -1.10 8.15 -32.84
C ALA A 420 -2.40 8.83 -32.39
N ALA A 421 -2.36 10.16 -32.37
CA ALA A 421 -3.49 10.99 -32.00
C ALA A 421 -3.24 12.29 -32.75
N GLU A 422 -4.31 12.92 -33.21
CA GLU A 422 -4.22 14.17 -33.97
C GLU A 422 -3.13 15.12 -33.46
N ASP A 423 -3.49 16.00 -32.53
CA ASP A 423 -2.56 16.96 -31.96
C ASP A 423 -1.42 16.26 -31.25
N ALA A 424 -0.20 16.49 -31.73
CA ALA A 424 0.97 15.88 -31.13
C ALA A 424 1.01 16.19 -29.63
N SER A 425 0.83 17.45 -29.27
CA SER A 425 0.87 17.89 -27.87
C SER A 425 -0.02 17.05 -26.96
N GLN A 426 -1.01 16.38 -27.54
CA GLN A 426 -1.93 15.56 -26.77
C GLN A 426 -1.84 14.06 -26.91
N ARG A 427 -0.66 13.54 -27.26
CA ARG A 427 -0.51 12.09 -27.37
C ARG A 427 -0.14 11.60 -25.98
N VAL A 428 0.22 12.54 -25.11
CA VAL A 428 0.57 12.24 -23.72
C VAL A 428 -0.01 13.28 -22.77
N ILE A 429 -1.12 12.93 -22.14
CA ILE A 429 -1.80 13.81 -21.22
C ILE A 429 -1.41 13.43 -19.80
N THR A 430 -1.06 14.42 -18.99
CA THR A 430 -0.68 14.17 -17.62
C THR A 430 -1.90 14.40 -16.74
N TYR A 431 -2.81 13.44 -16.70
CA TYR A 431 -4.04 13.59 -15.91
C TYR A 431 -3.82 13.43 -14.40
N PHE A 432 -4.68 14.09 -13.63
CA PHE A 432 -4.60 14.04 -12.19
C PHE A 432 -5.75 13.20 -11.64
N SER A 433 -5.73 12.93 -10.35
CA SER A 433 -6.79 12.15 -9.75
C SER A 433 -6.90 12.61 -8.30
N HIS A 434 -8.09 13.06 -7.91
CA HIS A 434 -8.30 13.54 -6.54
C HIS A 434 -8.18 12.41 -5.52
N PHE A 435 -7.59 12.72 -4.37
CA PHE A 435 -7.45 11.74 -3.31
C PHE A 435 -8.34 12.14 -2.16
N SER A 436 -9.39 11.35 -1.92
CA SER A 436 -10.33 11.63 -0.85
C SER A 436 -10.00 10.79 0.37
N GLN A 437 -9.93 11.41 1.54
CA GLN A 437 -9.60 10.68 2.75
C GLN A 437 -10.76 9.92 3.38
N ILE A 438 -11.97 10.46 3.24
CA ILE A 438 -13.17 9.83 3.78
C ILE A 438 -14.07 9.44 2.59
N THR A 439 -14.56 8.21 2.58
CA THR A 439 -15.40 7.73 1.49
C THR A 439 -16.39 6.63 1.93
N VAL A 440 -17.13 6.07 0.97
CA VAL A 440 -18.13 5.03 1.24
C VAL A 440 -18.02 3.79 0.36
N THR A 441 -18.44 2.65 0.91
CA THR A 441 -18.44 1.41 0.15
C THR A 441 -19.35 1.68 -1.05
N ASN A 442 -19.02 1.08 -2.18
CA ASN A 442 -19.82 1.26 -3.38
C ASN A 442 -19.82 2.72 -3.80
N ALA A 443 -18.62 3.28 -3.91
CA ALA A 443 -18.50 4.66 -4.34
C ALA A 443 -17.80 4.53 -5.68
N THR A 444 -17.97 5.53 -6.53
CA THR A 444 -17.35 5.50 -7.85
C THR A 444 -16.60 6.80 -8.07
N ASP A 445 -15.54 6.78 -8.89
CA ASP A 445 -14.78 8.01 -9.14
C ASP A 445 -15.56 9.06 -9.93
N ASP A 446 -16.87 8.86 -10.02
CA ASP A 446 -17.75 9.80 -10.71
C ASP A 446 -18.62 10.48 -9.66
N PRO A 447 -18.44 11.80 -9.49
CA PRO A 447 -19.25 12.53 -8.49
C PRO A 447 -20.71 12.09 -8.54
N THR A 448 -21.25 12.16 -9.76
CA THR A 448 -22.63 11.81 -10.09
C THR A 448 -23.50 11.10 -9.03
N SER A 449 -23.14 9.89 -8.63
CA SER A 449 -23.95 9.19 -7.62
C SER A 449 -23.21 9.01 -6.31
N ALA A 450 -23.74 8.09 -5.51
CA ALA A 450 -23.18 7.76 -4.21
C ALA A 450 -23.21 8.96 -3.25
N TYR A 451 -24.40 9.44 -2.95
CA TYR A 451 -24.61 10.56 -2.03
C TYR A 451 -23.62 11.73 -2.10
N GLY A 452 -22.97 11.92 -3.25
CA GLY A 452 -22.03 13.03 -3.40
C GLY A 452 -20.59 12.78 -3.00
N LEU A 453 -20.26 11.55 -2.63
CA LEU A 453 -18.90 11.20 -2.21
C LEU A 453 -18.30 10.21 -3.20
N MET A 454 -17.14 10.53 -3.76
CA MET A 454 -16.53 9.63 -4.73
C MET A 454 -15.44 8.76 -4.12
N SER A 455 -15.13 7.65 -4.79
CA SER A 455 -14.10 6.74 -4.33
C SER A 455 -12.79 7.15 -4.98
N ASN A 456 -11.70 6.50 -4.61
CA ASN A 456 -10.44 6.85 -5.21
C ASN A 456 -10.05 5.84 -6.26
N THR A 457 -9.46 6.33 -7.33
CA THR A 457 -9.01 5.46 -8.41
C THR A 457 -7.97 4.60 -7.71
N LEU A 458 -8.12 3.28 -7.77
CA LEU A 458 -7.17 2.40 -7.08
C LEU A 458 -5.70 2.67 -7.41
N ASP A 459 -5.43 3.65 -8.27
CA ASP A 459 -4.07 4.02 -8.63
C ASP A 459 -3.26 4.22 -7.36
N PHE A 460 -3.76 5.15 -6.55
CA PHE A 460 -3.13 5.56 -5.32
C PHE A 460 -2.27 4.55 -4.55
N THR A 461 -2.65 3.27 -4.55
CA THR A 461 -1.84 2.31 -3.81
C THR A 461 -0.37 2.34 -4.19
N GLN A 462 -0.07 2.96 -5.34
CA GLN A 462 1.31 3.07 -5.80
C GLN A 462 2.15 3.90 -4.83
N LEU A 463 1.47 4.77 -4.09
CA LEU A 463 2.12 5.64 -3.12
C LEU A 463 2.29 4.95 -1.76
N ASP A 464 3.42 4.27 -1.55
CA ASP A 464 3.63 3.62 -0.26
C ASP A 464 3.62 4.78 0.73
N TRP A 465 2.91 4.62 1.84
CA TRP A 465 2.79 5.64 2.88
C TRP A 465 1.65 6.61 2.64
N HIS A 466 0.80 6.33 1.65
CA HIS A 466 -0.33 7.20 1.38
C HIS A 466 -1.12 7.35 2.66
N PRO A 467 -1.68 8.54 2.90
CA PRO A 467 -2.46 8.81 4.10
C PRO A 467 -3.59 7.81 4.24
N ILE A 468 -4.01 7.60 5.48
CA ILE A 468 -5.06 6.66 5.80
C ILE A 468 -6.40 7.04 5.21
N ILE A 469 -7.01 6.06 4.55
CA ILE A 469 -8.32 6.26 3.96
C ILE A 469 -9.33 5.65 4.89
N TYR A 470 -10.36 6.40 5.22
CA TYR A 470 -11.40 5.91 6.10
C TYR A 470 -12.67 5.75 5.28
N VAL A 471 -13.17 4.51 5.20
CA VAL A 471 -14.38 4.22 4.45
C VAL A 471 -15.51 3.89 5.40
N THR A 472 -16.68 4.50 5.17
CA THR A 472 -17.85 4.28 6.01
C THR A 472 -18.75 3.20 5.42
N GLU A 473 -19.27 2.31 6.26
CA GLU A 473 -20.14 1.27 5.76
C GLU A 473 -21.50 1.23 6.47
N THR A 474 -22.57 1.21 5.68
CA THR A 474 -23.93 1.17 6.21
C THR A 474 -24.14 -0.15 6.94
N SER A 475 -24.99 -0.14 7.96
CA SER A 475 -25.26 -1.37 8.71
C SER A 475 -25.55 -2.51 7.73
N VAL A 476 -25.97 -2.15 6.53
CA VAL A 476 -26.28 -3.12 5.48
C VAL A 476 -25.05 -3.96 5.13
N HIS A 477 -24.00 -3.30 4.62
CA HIS A 477 -22.75 -3.94 4.22
C HIS A 477 -21.99 -4.60 5.36
N ASN A 478 -22.17 -4.09 6.58
CA ASN A 478 -21.45 -4.64 7.71
C ASN A 478 -21.95 -5.98 8.23
N VAL A 479 -21.00 -6.85 8.54
CA VAL A 479 -21.28 -8.19 9.04
C VAL A 479 -21.90 -8.21 10.44
N ALA A 480 -21.93 -7.04 11.08
CA ALA A 480 -22.48 -6.93 12.43
C ALA A 480 -23.79 -6.16 12.50
N ASN A 481 -24.46 -6.03 11.35
CA ASN A 481 -25.74 -5.32 11.26
C ASN A 481 -25.71 -3.92 11.87
N LEU A 482 -24.54 -3.50 12.35
CA LEU A 482 -24.32 -2.18 12.94
C LEU A 482 -23.39 -1.42 11.99
N ASN A 483 -23.65 -0.14 11.72
CA ASN A 483 -22.75 0.56 10.81
C ASN A 483 -21.52 1.16 11.47
N SER A 484 -20.39 0.97 10.80
CA SER A 484 -19.10 1.46 11.28
C SER A 484 -18.26 1.95 10.10
N ILE A 485 -16.95 1.75 10.22
CA ILE A 485 -16.03 2.18 9.20
C ILE A 485 -14.82 1.26 8.98
N LEU A 486 -14.42 1.12 7.72
CA LEU A 486 -13.29 0.29 7.29
C LEU A 486 -12.07 1.18 7.08
N ILE A 487 -10.89 0.66 7.44
CA ILE A 487 -9.66 1.44 7.31
C ILE A 487 -8.78 0.99 6.16
N GLY A 488 -8.15 1.94 5.48
CA GLY A 488 -7.28 1.61 4.36
C GLY A 488 -5.92 2.27 4.49
N GLY A 489 -4.85 1.50 4.22
CA GLY A 489 -3.51 2.04 4.32
C GLY A 489 -2.56 1.04 4.95
N ASP A 490 -1.29 1.09 4.59
CA ASP A 490 -0.32 0.15 5.15
C ASP A 490 -0.19 0.24 6.67
N LEU A 491 -1.03 -0.52 7.38
CA LEU A 491 -0.99 -0.57 8.83
C LEU A 491 0.07 -1.54 9.29
N LYS A 492 0.69 -1.18 10.42
CA LYS A 492 1.75 -1.98 11.02
C LYS A 492 1.35 -2.00 12.49
N ARG A 493 1.75 -0.97 13.22
CA ARG A 493 1.41 -0.86 14.63
C ARG A 493 0.50 0.35 14.75
N PRO A 494 -0.81 0.14 14.65
CA PRO A 494 -1.79 1.22 14.75
C PRO A 494 -2.32 1.46 16.15
N THR A 495 -3.02 2.58 16.31
CA THR A 495 -3.65 2.99 17.56
C THR A 495 -4.57 4.18 17.31
N VAL A 496 -5.46 4.49 18.25
CA VAL A 496 -6.38 5.60 18.06
C VAL A 496 -6.21 6.80 18.99
N ILE A 497 -6.37 8.00 18.43
CA ILE A 497 -6.28 9.26 19.17
C ILE A 497 -7.64 9.97 19.13
N THR A 498 -8.02 10.59 20.24
CA THR A 498 -9.29 11.30 20.34
C THR A 498 -9.23 12.67 19.66
N THR A 499 -10.35 13.15 19.15
CA THR A 499 -10.39 14.47 18.50
C THR A 499 -9.85 15.41 19.58
N ASP A 500 -10.22 15.13 20.82
CA ASP A 500 -9.82 15.91 21.97
C ASP A 500 -8.30 15.86 22.17
N VAL A 501 -7.73 14.67 22.10
CA VAL A 501 -6.28 14.48 22.26
C VAL A 501 -5.49 15.27 21.23
N VAL A 502 -5.91 15.19 19.98
CA VAL A 502 -5.23 15.90 18.91
C VAL A 502 -5.22 17.39 19.19
N LYS A 503 -6.39 17.94 19.51
CA LYS A 503 -6.51 19.36 19.83
C LYS A 503 -5.35 19.71 20.77
N ARG A 504 -5.33 19.04 21.92
CA ARG A 504 -4.29 19.22 22.96
C ARG A 504 -2.91 19.41 22.38
N ILE A 505 -2.43 18.33 21.77
CA ILE A 505 -1.11 18.29 21.17
C ILE A 505 -0.79 19.41 20.21
N ASN A 506 -1.68 19.73 19.27
CA ASN A 506 -1.37 20.83 18.35
C ASN A 506 -1.31 22.15 19.11
N SER A 507 -2.32 22.37 19.95
CA SER A 507 -2.43 23.57 20.78
C SER A 507 -1.10 23.75 21.53
N ALA A 508 -0.39 22.63 21.71
CA ALA A 508 0.89 22.64 22.40
C ALA A 508 2.06 22.72 21.43
N ALA A 509 2.13 21.76 20.51
CA ALA A 509 3.19 21.68 19.52
C ALA A 509 3.54 23.04 18.96
N ASN A 510 2.54 23.71 18.38
CA ASN A 510 2.72 25.01 17.79
C ASN A 510 3.34 25.99 18.79
N TYR A 511 2.80 26.04 20.00
CA TYR A 511 3.34 26.93 21.03
C TYR A 511 4.87 26.81 21.05
N ALA A 512 5.37 25.58 20.99
CA ALA A 512 6.80 25.32 21.00
C ALA A 512 7.51 25.99 19.83
N LEU A 513 6.97 25.80 18.63
CA LEU A 513 7.54 26.37 17.42
C LEU A 513 7.89 27.84 17.54
N TYR A 514 7.11 28.60 18.30
CA TYR A 514 7.37 30.02 18.44
C TYR A 514 7.87 30.47 19.82
N TYR A 515 8.46 29.55 20.58
CA TYR A 515 8.96 29.86 21.92
C TYR A 515 10.39 29.33 22.12
N SER A 516 11.18 30.05 22.93
CA SER A 516 12.54 29.61 23.25
C SER A 516 12.76 29.90 24.73
N ALA A 517 12.95 28.84 25.50
CA ALA A 517 13.16 29.01 26.94
C ALA A 517 14.50 29.71 27.20
N ASN A 518 15.48 29.43 26.35
CA ASN A 518 16.81 30.03 26.47
C ASN A 518 16.75 31.56 26.44
N LEU A 519 15.92 32.11 25.56
CA LEU A 519 15.79 33.56 25.37
C LEU A 519 15.91 34.52 26.57
N LEU A 520 14.96 34.48 27.48
CA LEU A 520 15.01 35.37 28.64
C LEU A 520 15.63 34.73 29.86
N SER A 521 16.81 34.15 29.70
CA SER A 521 17.46 33.49 30.83
C SER A 521 18.87 33.96 31.09
N ASN A 522 19.41 34.78 30.19
CA ASN A 522 20.76 35.27 30.37
C ASN A 522 20.84 36.77 30.17
N ILE A 523 20.27 37.50 31.11
CA ILE A 523 20.26 38.96 31.04
C ILE A 523 20.67 39.43 32.42
N SER A 524 21.80 40.12 32.49
CA SER A 524 22.34 40.58 33.77
C SER A 524 22.16 42.06 34.14
N THR A 525 22.23 42.32 35.45
CA THR A 525 22.09 43.66 36.05
C THR A 525 22.78 44.79 35.26
N ASP B 1 12.56 16.42 12.78
CA ASP B 1 13.21 16.65 14.11
C ASP B 1 12.14 17.03 15.14
N TRP B 2 11.88 16.17 16.11
CA TRP B 2 10.88 16.46 17.13
C TRP B 2 11.32 17.51 18.16
N SER B 3 12.63 17.63 18.35
CA SER B 3 13.20 18.60 19.30
C SER B 3 12.52 19.96 19.11
N TRP B 4 12.10 20.20 17.87
CA TRP B 4 11.45 21.46 17.51
C TRP B 4 10.17 21.67 18.29
N TYR B 5 9.24 20.75 18.15
CA TYR B 5 7.95 20.88 18.79
C TYR B 5 7.89 20.57 20.28
N ALA B 6 9.03 20.52 20.94
CA ALA B 6 9.05 20.22 22.36
C ALA B 6 9.57 21.38 23.22
N PRO B 7 8.68 22.05 23.95
CA PRO B 7 9.05 23.18 24.81
C PRO B 7 9.77 22.77 26.08
N SER B 8 9.64 21.49 26.44
CA SER B 8 10.28 21.00 27.65
C SER B 8 10.51 19.50 27.58
N GLU B 9 11.68 19.06 28.03
CA GLU B 9 12.02 17.63 28.03
C GLU B 9 10.79 16.92 28.60
N LEU B 10 10.13 17.55 29.56
CA LEU B 10 8.95 17.00 30.23
C LEU B 10 7.65 17.13 29.46
N VAL B 11 7.15 18.35 29.35
CA VAL B 11 5.90 18.62 28.65
C VAL B 11 5.68 17.70 27.43
N ALA B 12 6.78 17.22 26.84
CA ALA B 12 6.69 16.32 25.71
C ALA B 12 6.22 14.97 26.24
N LYS B 13 7.09 14.28 26.98
CA LYS B 13 6.77 12.97 27.57
C LYS B 13 5.40 13.05 28.28
N GLN B 14 4.93 14.27 28.54
CA GLN B 14 3.66 14.47 29.24
C GLN B 14 2.41 14.37 28.36
N ILE B 15 2.43 14.96 27.16
CA ILE B 15 1.23 14.84 26.33
C ILE B 15 1.44 14.20 24.99
N ALA B 16 2.56 13.50 24.83
CA ALA B 16 2.83 12.83 23.58
C ALA B 16 2.73 11.35 23.84
N ASN B 17 2.99 10.94 25.08
CA ASN B 17 2.94 9.54 25.42
C ASN B 17 1.51 9.05 25.31
N VAL B 18 1.03 8.93 24.07
CA VAL B 18 -0.31 8.43 23.84
C VAL B 18 -0.16 6.93 23.90
N PRO B 19 -1.27 6.23 24.16
CA PRO B 19 -1.18 4.79 24.26
C PRO B 19 -1.43 4.08 22.94
N PHE B 20 -0.78 2.94 22.75
CA PHE B 20 -0.98 2.12 21.57
C PHE B 20 -1.74 0.91 22.07
N ASN B 21 -2.79 1.23 22.82
CA ASN B 21 -3.69 0.31 23.49
C ASN B 21 -4.60 -0.49 22.59
N VAL B 22 -4.26 -0.62 21.32
CA VAL B 22 -5.13 -1.39 20.46
C VAL B 22 -4.44 -2.64 19.98
N LEU B 23 -4.69 -3.75 20.66
CA LEU B 23 -4.08 -5.01 20.29
C LEU B 23 -4.67 -5.47 18.97
N ALA B 24 -3.82 -5.89 18.05
CA ALA B 24 -4.26 -6.34 16.74
C ALA B 24 -5.34 -7.38 16.95
N GLY B 25 -6.54 -7.07 16.47
CA GLY B 25 -7.67 -7.96 16.62
C GLY B 25 -8.79 -7.20 17.29
N THR B 26 -8.43 -6.28 18.19
CA THR B 26 -9.45 -5.47 18.86
C THR B 26 -9.89 -4.51 17.77
N PRO B 27 -11.04 -3.85 17.96
CA PRO B 27 -11.56 -2.91 16.97
C PRO B 27 -10.91 -1.54 16.99
N ILE B 28 -10.75 -0.98 15.80
CA ILE B 28 -10.17 0.33 15.61
C ILE B 28 -11.30 1.35 15.71
N LYS B 29 -11.56 1.80 16.94
CA LYS B 29 -12.65 2.74 17.17
C LYS B 29 -12.45 4.15 16.58
N ALA B 30 -12.20 4.22 15.28
CA ALA B 30 -12.03 5.52 14.61
C ALA B 30 -13.42 6.05 14.34
N SER B 31 -13.60 7.37 14.32
CA SER B 31 -14.92 7.93 14.10
C SER B 31 -14.99 9.00 13.03
N VAL B 32 -16.11 9.01 12.32
CA VAL B 32 -16.34 9.99 11.26
C VAL B 32 -17.61 10.78 11.54
N HIS B 33 -17.45 12.08 11.84
CA HIS B 33 -18.60 12.95 12.08
C HIS B 33 -19.14 13.23 10.67
N LEU B 34 -20.45 13.42 10.54
CA LEU B 34 -21.05 13.72 9.24
C LEU B 34 -22.41 14.41 9.38
N ARG B 35 -22.71 15.33 8.47
CA ARG B 35 -23.97 16.06 8.50
C ARG B 35 -24.73 15.96 7.18
N TYR B 36 -26.03 15.70 7.26
CA TYR B 36 -26.90 15.56 6.10
C TYR B 36 -28.34 15.93 6.48
N ASP B 37 -29.25 15.80 5.52
CA ASP B 37 -30.67 16.09 5.74
C ASP B 37 -31.42 14.76 5.78
N PRO B 38 -31.84 14.31 6.98
CA PRO B 38 -32.57 13.04 7.09
C PRO B 38 -33.69 12.80 6.07
N SER B 39 -34.23 13.88 5.51
CA SER B 39 -35.32 13.81 4.54
C SER B 39 -34.93 13.23 3.20
N LEU B 40 -33.68 13.43 2.78
CA LEU B 40 -33.25 12.94 1.48
C LEU B 40 -32.30 11.74 1.47
N VAL B 41 -32.20 11.03 2.58
CA VAL B 41 -31.33 9.86 2.64
C VAL B 41 -32.04 8.62 3.19
N SER B 42 -32.04 7.56 2.39
CA SER B 42 -32.69 6.30 2.77
C SER B 42 -32.13 5.73 4.09
N GLY B 43 -32.79 6.12 5.20
CA GLY B 43 -32.43 5.65 6.52
C GLY B 43 -30.97 5.56 6.98
N LEU B 44 -30.59 6.49 7.84
CA LEU B 44 -29.26 6.54 8.43
C LEU B 44 -29.44 7.11 9.83
N LYS B 45 -29.28 6.25 10.82
CA LYS B 45 -29.47 6.64 12.21
C LYS B 45 -28.70 7.88 12.67
N ASP B 46 -27.62 7.72 13.43
CA ASP B 46 -26.92 8.92 13.89
C ASP B 46 -26.09 9.59 12.81
N GLN B 47 -25.35 10.62 13.22
CA GLN B 47 -24.49 11.37 12.34
C GLN B 47 -23.04 11.17 12.81
N LEU B 48 -22.81 10.06 13.51
CA LEU B 48 -21.48 9.73 14.01
C LEU B 48 -21.25 8.24 13.81
N PHE B 49 -20.24 7.91 13.00
CA PHE B 49 -19.90 6.53 12.72
C PHE B 49 -18.68 6.07 13.48
N VAL B 50 -18.91 5.23 14.49
CA VAL B 50 -17.82 4.70 15.28
C VAL B 50 -17.24 3.49 14.55
N GLY B 51 -15.93 3.40 14.54
CA GLY B 51 -15.26 2.29 13.87
C GLY B 51 -15.67 0.98 14.51
N ASN B 52 -15.28 -0.13 13.92
CA ASN B 52 -15.68 -1.39 14.49
C ASN B 52 -14.96 -2.60 13.89
N ASN B 53 -14.10 -2.36 12.92
CA ASN B 53 -13.33 -3.44 12.30
C ASN B 53 -11.92 -3.41 12.87
N ALA B 54 -11.30 -4.59 13.03
CA ALA B 54 -9.95 -4.67 13.56
C ALA B 54 -8.99 -4.67 12.39
N SER B 55 -7.70 -4.44 12.66
CA SER B 55 -6.73 -4.45 11.58
C SER B 55 -6.83 -5.84 10.96
N ILE B 56 -6.59 -5.95 9.67
CA ILE B 56 -6.67 -7.24 9.01
C ILE B 56 -5.66 -8.22 9.57
N MET B 57 -6.10 -9.45 9.77
CA MET B 57 -5.25 -10.51 10.29
C MET B 57 -4.20 -10.92 9.27
N GLY B 58 -4.64 -11.33 8.10
CA GLY B 58 -3.71 -11.75 7.06
C GLY B 58 -4.44 -12.32 5.87
N ALA B 59 -3.76 -13.13 5.06
CA ALA B 59 -4.40 -13.70 3.89
C ALA B 59 -4.05 -15.16 3.63
N ARG B 60 -5.03 -15.90 3.13
CA ARG B 60 -4.86 -17.32 2.85
C ARG B 60 -4.59 -17.52 1.36
N LEU B 61 -3.43 -18.08 1.08
CA LEU B 61 -3.03 -18.35 -0.28
C LEU B 61 -3.35 -19.79 -0.64
N LEU B 62 -4.54 -20.02 -1.17
CA LEU B 62 -4.92 -21.37 -1.55
C LEU B 62 -4.22 -21.70 -2.86
N TYR B 63 -3.21 -22.58 -2.80
CA TYR B 63 -2.44 -22.94 -3.99
C TYR B 63 -2.57 -24.40 -4.37
N LEU B 64 -2.40 -24.66 -5.65
CA LEU B 64 -2.47 -26.04 -6.14
C LEU B 64 -1.05 -26.52 -6.43
N PRO B 65 -0.54 -27.47 -5.64
CA PRO B 65 0.81 -28.00 -5.84
C PRO B 65 1.14 -28.19 -7.31
N SER B 66 2.25 -27.62 -7.77
CA SER B 66 2.62 -27.73 -9.18
C SER B 66 3.97 -28.34 -9.48
N PHE B 67 4.02 -29.04 -10.63
CA PHE B 67 5.23 -29.70 -11.09
C PHE B 67 5.72 -29.03 -12.35
N GLY B 68 5.04 -27.97 -12.77
CA GLY B 68 5.42 -27.27 -13.97
C GLY B 68 4.67 -27.83 -15.16
N ILE B 69 3.78 -27.01 -15.70
CA ILE B 69 3.00 -27.39 -16.86
C ILE B 69 3.87 -28.18 -17.82
N SER B 70 3.57 -29.47 -17.96
CA SER B 70 4.35 -30.32 -18.85
C SER B 70 3.51 -31.28 -19.70
N THR B 71 3.71 -31.19 -21.01
CA THR B 71 2.98 -32.00 -21.98
C THR B 71 3.87 -32.45 -23.13
N THR B 72 5.16 -32.64 -22.88
CA THR B 72 6.04 -33.06 -23.95
C THR B 72 7.14 -34.00 -23.54
N VAL B 73 7.63 -34.76 -24.52
CA VAL B 73 8.73 -35.71 -24.28
C VAL B 73 9.93 -34.89 -23.82
N LEU B 74 9.77 -33.56 -23.86
CA LEU B 74 10.84 -32.64 -23.50
C LEU B 74 10.53 -31.60 -22.45
N ASP B 75 9.26 -31.43 -22.07
CA ASP B 75 8.91 -30.39 -21.12
C ASP B 75 9.50 -30.45 -19.70
N GLY B 76 10.81 -30.65 -19.62
CA GLY B 76 11.48 -30.66 -18.34
C GLY B 76 11.18 -31.81 -17.40
N LEU B 77 10.03 -31.76 -16.74
CA LEU B 77 9.68 -32.81 -15.80
C LEU B 77 10.00 -34.22 -16.28
N SER B 78 9.74 -34.50 -17.56
CA SER B 78 10.03 -35.81 -18.12
C SER B 78 11.54 -35.96 -18.22
N MET B 79 12.20 -34.92 -18.70
CA MET B 79 13.66 -34.91 -18.82
C MET B 79 14.20 -35.35 -17.47
N ALA B 80 13.81 -34.61 -16.44
CA ALA B 80 14.22 -34.87 -15.08
C ALA B 80 14.03 -36.33 -14.71
N ALA B 81 12.90 -36.89 -15.11
CA ALA B 81 12.59 -38.28 -14.83
C ALA B 81 13.64 -39.19 -15.42
N ASN B 82 13.85 -39.12 -16.74
CA ASN B 82 14.85 -39.94 -17.40
C ASN B 82 16.16 -39.78 -16.63
N GLN B 83 16.49 -38.53 -16.34
CA GLN B 83 17.69 -38.17 -15.60
C GLN B 83 17.84 -39.04 -14.36
N LEU B 84 16.92 -38.89 -13.43
CA LEU B 84 16.93 -39.66 -12.19
C LEU B 84 17.10 -41.14 -12.52
N TYR B 85 16.08 -41.69 -13.19
CA TYR B 85 16.06 -43.10 -13.58
C TYR B 85 17.45 -43.60 -14.00
N ALA B 86 18.10 -42.89 -14.90
CA ALA B 86 19.42 -43.29 -15.36
C ALA B 86 20.38 -43.55 -14.20
N TYR B 87 20.45 -42.61 -13.25
CA TYR B 87 21.34 -42.74 -12.10
C TYR B 87 21.02 -43.95 -11.24
N VAL B 88 19.75 -44.33 -11.17
CA VAL B 88 19.40 -45.48 -10.34
C VAL B 88 19.79 -46.76 -11.05
N ARG B 89 19.32 -46.91 -12.28
CA ARG B 89 19.59 -48.10 -13.08
C ARG B 89 21.09 -48.18 -13.41
N LYS B 90 21.76 -47.03 -13.35
CA LYS B 90 23.20 -46.88 -13.60
C LYS B 90 24.05 -48.12 -13.35
N SER B 91 24.42 -48.36 -12.09
CA SER B 91 25.25 -49.52 -11.74
C SER B 91 24.47 -50.70 -11.18
N ASN B 92 23.24 -50.89 -11.69
CA ASN B 92 22.34 -51.97 -11.27
C ASN B 92 22.28 -53.11 -12.30
N SER B 93 22.55 -54.34 -11.87
CA SER B 93 22.56 -55.49 -12.79
C SER B 93 21.22 -56.17 -13.11
N GLY B 94 20.15 -55.81 -12.41
CA GLY B 94 18.85 -56.41 -12.67
C GLY B 94 18.33 -56.10 -14.06
N ALA B 95 17.10 -56.51 -14.38
CA ALA B 95 16.55 -56.24 -15.71
C ALA B 95 15.44 -55.17 -15.72
N LYS B 96 15.30 -54.46 -16.83
CA LYS B 96 14.27 -53.43 -16.98
C LYS B 96 12.98 -53.94 -16.33
N VAL B 97 12.65 -53.43 -15.14
CA VAL B 97 11.44 -53.86 -14.45
C VAL B 97 10.39 -52.73 -14.38
N TYR B 98 10.73 -51.58 -14.96
CA TYR B 98 9.84 -50.42 -14.97
C TYR B 98 10.49 -49.27 -15.72
N GLU B 99 9.73 -48.60 -16.58
CA GLU B 99 10.25 -47.49 -17.37
C GLU B 99 10.45 -46.22 -16.53
N ALA B 100 11.19 -45.27 -17.10
CA ALA B 100 11.53 -44.00 -16.45
C ALA B 100 10.43 -43.33 -15.64
N PRO B 101 9.28 -43.06 -16.28
CA PRO B 101 8.17 -42.42 -15.57
C PRO B 101 7.69 -43.24 -14.38
N ASP B 102 7.45 -44.53 -14.60
CA ASP B 102 6.99 -45.45 -13.54
C ASP B 102 7.68 -45.14 -12.21
N LEU B 103 8.99 -44.87 -12.31
CA LEU B 103 9.82 -44.55 -11.16
C LEU B 103 9.49 -43.16 -10.68
N MET B 104 9.81 -42.17 -11.51
CA MET B 104 9.55 -40.77 -11.20
C MET B 104 8.20 -40.61 -10.50
N MET B 105 7.19 -41.29 -11.04
CA MET B 105 5.83 -41.26 -10.51
C MET B 105 5.86 -41.55 -9.01
N THR B 106 6.47 -42.67 -8.66
CA THR B 106 6.60 -43.11 -7.28
C THR B 106 7.19 -42.01 -6.39
N VAL B 107 8.32 -41.47 -6.82
CA VAL B 107 8.99 -40.44 -6.04
C VAL B 107 8.07 -39.27 -5.72
N LEU B 108 7.52 -38.64 -6.74
CA LEU B 108 6.62 -37.51 -6.53
C LEU B 108 5.53 -37.87 -5.54
N ALA B 109 5.02 -39.10 -5.64
CA ALA B 109 3.98 -39.54 -4.72
C ALA B 109 4.49 -39.29 -3.30
N ILE B 110 5.70 -39.77 -3.03
CA ILE B 110 6.31 -39.59 -1.71
C ILE B 110 6.42 -38.11 -1.39
N GLN B 111 6.88 -37.32 -2.35
CA GLN B 111 7.02 -35.89 -2.12
C GLN B 111 5.69 -35.31 -1.64
N GLU B 112 4.66 -35.45 -2.46
CA GLU B 112 3.38 -34.90 -2.09
C GLU B 112 2.87 -35.38 -0.74
N ALA B 113 3.28 -36.59 -0.35
CA ALA B 113 2.87 -37.10 0.96
C ALA B 113 3.43 -36.15 2.01
N TYR B 114 4.71 -35.82 1.87
CA TYR B 114 5.36 -34.91 2.81
C TYR B 114 4.65 -33.56 2.86
N ARG B 115 4.25 -33.04 1.71
CA ARG B 115 3.59 -31.74 1.64
C ARG B 115 2.40 -31.68 2.61
N VAL B 116 1.89 -32.85 2.98
CA VAL B 116 0.79 -32.88 3.91
C VAL B 116 1.40 -32.92 5.29
N LEU B 117 2.21 -33.95 5.52
CA LEU B 117 2.87 -34.13 6.80
C LEU B 117 3.45 -32.79 7.29
N PHE B 118 4.03 -32.03 6.36
CA PHE B 118 4.63 -30.75 6.71
C PHE B 118 3.61 -29.74 7.20
N GLU B 119 2.52 -29.58 6.45
CA GLU B 119 1.49 -28.63 6.85
C GLU B 119 1.01 -29.03 8.24
N ILE B 120 1.03 -30.34 8.51
CA ILE B 120 0.63 -30.87 9.81
C ILE B 120 1.64 -30.44 10.86
N ARG B 121 2.91 -30.58 10.53
CA ARG B 121 3.97 -30.20 11.46
C ARG B 121 3.73 -28.74 11.81
N ARG B 122 3.63 -27.92 10.77
CA ARG B 122 3.39 -26.49 10.94
C ARG B 122 2.28 -26.24 11.96
N ALA B 123 1.17 -26.96 11.80
CA ALA B 123 0.03 -26.81 12.69
C ALA B 123 0.39 -27.03 14.16
N ILE B 124 1.06 -28.14 14.44
CA ILE B 124 1.46 -28.48 15.80
C ILE B 124 2.50 -27.51 16.37
N THR B 125 3.45 -27.12 15.54
CA THR B 125 4.50 -26.22 15.97
C THR B 125 3.98 -24.86 16.37
N PHE B 126 3.17 -24.25 15.51
CA PHE B 126 2.62 -22.92 15.77
C PHE B 126 1.57 -22.81 16.85
N ALA B 127 1.17 -23.94 17.41
CA ALA B 127 0.18 -23.91 18.46
C ALA B 127 0.81 -23.42 19.77
N ASN B 128 2.11 -23.16 19.74
CA ASN B 128 2.80 -22.68 20.93
C ASN B 128 3.14 -21.19 20.84
N TYR B 129 2.93 -20.57 19.69
CA TYR B 129 3.24 -19.14 19.56
C TYR B 129 2.10 -18.25 20.01
N TRP B 130 2.38 -17.47 21.05
CA TRP B 130 1.40 -16.54 21.60
C TRP B 130 2.08 -15.20 21.78
N ASN B 131 1.37 -14.13 21.47
CA ASN B 131 1.94 -12.81 21.64
C ASN B 131 0.89 -11.90 22.20
N PHE B 132 1.21 -11.30 23.33
CA PHE B 132 0.31 -10.40 24.03
C PHE B 132 -0.32 -9.34 23.15
N TRP B 133 0.27 -9.06 21.99
CA TRP B 133 -0.26 -8.02 21.14
C TRP B 133 -1.04 -8.43 19.89
N ASN B 134 -1.27 -9.73 19.73
CA ASN B 134 -2.02 -10.18 18.57
C ASN B 134 -3.02 -11.26 18.96
N LYS B 135 -4.18 -10.86 19.44
CA LYS B 135 -5.19 -11.81 19.88
C LYS B 135 -5.74 -12.70 18.75
N TYR B 136 -5.25 -12.47 17.53
CA TYR B 136 -5.66 -13.27 16.39
C TYR B 136 -4.90 -14.58 16.51
N LEU B 137 -3.58 -14.41 16.52
CA LEU B 137 -2.61 -15.50 16.55
C LEU B 137 -2.96 -16.90 17.03
N PRO B 138 -2.71 -17.21 18.30
CA PRO B 138 -3.09 -18.57 18.69
C PRO B 138 -4.19 -19.23 17.83
N LYS B 139 -5.45 -18.91 18.13
CA LYS B 139 -6.65 -19.47 17.47
C LYS B 139 -6.96 -18.95 16.06
N GLN B 140 -7.84 -17.97 16.00
CA GLN B 140 -8.32 -17.31 14.78
C GLN B 140 -7.47 -17.54 13.52
N VAL B 141 -6.15 -17.42 13.63
CA VAL B 141 -5.28 -17.63 12.46
C VAL B 141 -5.38 -19.03 11.89
N PHE B 142 -5.38 -20.01 12.79
CA PHE B 142 -5.50 -21.40 12.39
C PHE B 142 -6.78 -21.63 11.60
N GLU B 143 -7.89 -21.26 12.22
CA GLU B 143 -9.19 -21.43 11.62
C GLU B 143 -9.35 -20.75 10.26
N GLN B 144 -8.77 -19.58 10.09
CA GLN B 144 -8.92 -18.87 8.81
C GLN B 144 -7.74 -18.98 7.85
N LEU B 145 -6.54 -18.76 8.34
CA LEU B 145 -5.36 -18.82 7.48
C LEU B 145 -4.92 -20.22 7.08
N LEU B 146 -4.96 -21.18 8.00
CA LEU B 146 -4.55 -22.54 7.66
C LEU B 146 -5.70 -23.51 7.53
N ALA B 147 -6.88 -23.09 7.97
CA ALA B 147 -8.06 -23.93 7.88
C ALA B 147 -7.91 -25.18 8.73
N ILE B 148 -7.59 -25.00 10.01
CA ILE B 148 -7.41 -26.12 10.93
C ILE B 148 -8.20 -25.88 12.22
N ASP B 149 -9.05 -26.83 12.58
CA ASP B 149 -9.88 -26.73 13.79
C ASP B 149 -9.02 -26.60 15.02
N PHE B 150 -8.88 -25.39 15.53
CA PHE B 150 -8.05 -25.16 16.69
C PHE B 150 -8.64 -25.83 17.94
N ASP B 151 -9.88 -25.47 18.27
CA ASP B 151 -10.54 -26.05 19.44
C ASP B 151 -10.30 -27.57 19.52
N ASP B 152 -10.26 -28.23 18.36
CA ASP B 152 -10.03 -29.69 18.29
C ASP B 152 -8.59 -30.04 18.59
N LEU B 153 -7.66 -29.25 18.04
CA LEU B 153 -6.24 -29.48 18.27
C LEU B 153 -5.87 -29.31 19.73
N MET B 154 -6.38 -28.24 20.32
CA MET B 154 -6.09 -27.96 21.72
C MET B 154 -6.48 -29.12 22.60
N SER B 155 -7.67 -29.67 22.37
CA SER B 155 -8.14 -30.79 23.17
C SER B 155 -7.29 -32.05 23.05
N ASN B 156 -6.71 -32.29 21.87
CA ASN B 156 -5.89 -33.48 21.66
C ASN B 156 -4.50 -33.25 21.06
N LYS B 157 -3.75 -32.26 21.56
CA LYS B 157 -2.41 -31.99 21.01
C LYS B 157 -1.43 -33.13 21.27
N ALA B 158 -1.15 -33.40 22.53
CA ALA B 158 -0.22 -34.45 22.90
C ALA B 158 -0.32 -35.67 21.99
N ASN B 159 -1.55 -36.13 21.72
CA ASN B 159 -1.75 -37.29 20.85
C ASN B 159 -1.30 -37.03 19.43
N TYR B 160 -1.67 -35.87 18.89
CA TYR B 160 -1.27 -35.52 17.54
C TYR B 160 0.26 -35.35 17.49
N CYS B 161 0.83 -34.69 18.50
CA CYS B 161 2.28 -34.46 18.57
C CYS B 161 2.99 -35.80 18.45
N ALA B 162 2.60 -36.75 19.29
CA ALA B 162 3.21 -38.07 19.28
C ALA B 162 2.93 -38.81 17.97
N GLN B 163 1.73 -38.62 17.42
CA GLN B 163 1.37 -39.29 16.16
C GLN B 163 2.29 -38.77 15.06
N PHE B 164 2.47 -37.45 15.01
CA PHE B 164 3.34 -36.87 14.01
C PHE B 164 4.71 -37.54 14.06
N ASN B 165 5.34 -37.53 15.23
CA ASN B 165 6.66 -38.14 15.39
C ASN B 165 6.70 -39.57 14.88
N LEU B 166 5.59 -40.30 15.03
CA LEU B 166 5.57 -41.68 14.56
C LEU B 166 5.59 -41.66 13.04
N MET B 167 4.68 -40.92 12.44
CA MET B 167 4.60 -40.82 10.99
C MET B 167 5.95 -40.43 10.41
N ALA B 168 6.54 -39.41 11.01
CA ALA B 168 7.84 -38.94 10.57
C ALA B 168 8.79 -40.14 10.41
N GLN B 169 8.88 -40.97 11.44
CA GLN B 169 9.75 -42.14 11.38
C GLN B 169 9.35 -43.06 10.23
N LYS B 170 8.05 -43.16 9.93
CA LYS B 170 7.58 -44.01 8.83
C LYS B 170 8.01 -43.41 7.51
N ILE B 171 7.69 -42.14 7.31
CA ILE B 171 8.04 -41.43 6.10
C ILE B 171 9.54 -41.54 5.83
N ASN B 172 10.35 -41.43 6.89
CA ASN B 172 11.79 -41.51 6.76
C ASN B 172 12.27 -42.91 6.36
N THR B 173 11.35 -43.80 6.05
CA THR B 173 11.72 -45.14 5.60
C THR B 173 11.14 -45.34 4.22
N PHE B 174 10.88 -44.22 3.55
CA PHE B 174 10.35 -44.20 2.19
C PHE B 174 11.39 -43.56 1.27
N ALA B 175 11.75 -44.29 0.22
CA ALA B 175 12.77 -43.92 -0.76
C ALA B 175 12.83 -42.55 -1.46
N LEU B 176 12.69 -41.44 -0.74
CA LEU B 176 12.76 -40.15 -1.40
C LEU B 176 14.14 -39.50 -1.28
N PRO B 177 14.88 -39.40 -2.39
CA PRO B 177 16.24 -38.81 -2.44
C PRO B 177 16.39 -37.37 -1.95
N LYS B 178 17.24 -37.17 -0.95
CA LYS B 178 17.47 -35.86 -0.33
C LYS B 178 17.99 -34.76 -1.24
N TYR B 179 18.29 -35.07 -2.49
CA TYR B 179 18.87 -34.06 -3.34
C TYR B 179 17.90 -33.24 -4.23
N PHE B 180 16.61 -33.58 -4.22
CA PHE B 180 15.65 -32.85 -5.06
C PHE B 180 15.37 -31.43 -4.61
N LYS B 181 16.01 -30.45 -5.26
CA LYS B 181 15.82 -29.06 -4.89
C LYS B 181 14.33 -28.72 -4.66
N SER B 182 13.42 -29.31 -5.41
CA SER B 182 11.99 -29.04 -5.26
C SER B 182 11.46 -29.22 -3.84
N ILE B 183 11.95 -30.25 -3.16
CA ILE B 183 11.52 -30.52 -1.79
C ILE B 183 11.74 -29.33 -0.88
N LEU B 184 12.99 -28.86 -0.82
CA LEU B 184 13.36 -27.72 0.00
C LEU B 184 12.35 -26.58 -0.11
N ARG B 185 11.86 -26.35 -1.32
CA ARG B 185 10.87 -25.30 -1.55
C ARG B 185 9.61 -25.66 -0.80
N MET B 186 8.87 -26.63 -1.33
CA MET B 186 7.62 -27.05 -0.71
C MET B 186 7.71 -27.13 0.82
N ALA B 187 8.84 -27.59 1.34
CA ALA B 187 9.01 -27.69 2.79
C ALA B 187 8.90 -26.31 3.44
N TYR B 188 9.73 -25.39 2.98
CA TYR B 188 9.77 -24.03 3.49
C TYR B 188 8.42 -23.30 3.36
N VAL B 189 7.73 -23.56 2.26
CA VAL B 189 6.45 -22.92 1.98
C VAL B 189 5.33 -23.33 2.92
N SER B 190 5.30 -24.61 3.26
CA SER B 190 4.26 -25.11 4.13
C SER B 190 4.73 -25.39 5.56
N SER B 191 5.82 -24.73 5.96
CA SER B 191 6.33 -24.94 7.31
C SER B 191 6.23 -23.67 8.12
N ASN B 192 6.25 -22.52 7.46
CA ASN B 192 6.19 -21.27 8.18
C ASN B 192 4.97 -20.44 7.87
N ILE B 193 4.98 -19.23 8.43
CA ILE B 193 3.94 -18.23 8.25
C ILE B 193 4.73 -16.95 8.10
N PHE B 194 4.46 -16.18 7.06
CA PHE B 194 5.23 -14.96 6.83
C PHE B 194 4.55 -13.67 7.22
N MET B 195 5.33 -12.77 7.83
CA MET B 195 4.81 -11.49 8.27
C MET B 195 5.05 -10.50 7.13
N ASP B 196 4.29 -9.42 7.08
CA ASP B 196 4.46 -8.44 6.03
C ASP B 196 5.30 -7.28 6.56
N SER B 197 5.75 -7.42 7.80
CA SER B 197 6.56 -6.39 8.44
C SER B 197 7.29 -7.00 9.62
N ASP B 198 8.35 -6.33 10.08
CA ASP B 198 9.13 -6.82 11.22
C ASP B 198 8.33 -6.71 12.51
N ALA B 199 7.10 -6.22 12.39
CA ALA B 199 6.20 -6.03 13.53
C ALA B 199 5.18 -7.14 13.68
N VAL B 200 5.00 -7.60 14.92
CA VAL B 200 4.06 -8.67 15.21
C VAL B 200 2.62 -8.24 15.02
N THR B 201 2.36 -6.94 15.17
CA THR B 201 1.03 -6.36 15.02
C THR B 201 0.57 -6.41 13.58
N GLY B 202 1.54 -6.43 12.68
CA GLY B 202 1.25 -6.46 11.27
C GLY B 202 0.47 -7.68 10.86
N GLN B 203 0.01 -7.67 9.61
CA GLN B 203 -0.74 -8.77 9.06
C GLN B 203 0.25 -9.83 8.57
N MET B 204 -0.25 -11.02 8.27
CA MET B 204 0.60 -12.10 7.79
C MET B 204 -0.06 -13.04 6.80
N TYR B 205 0.73 -13.48 5.82
CA TYR B 205 0.27 -14.40 4.78
C TYR B 205 0.68 -15.83 5.13
N ALA B 206 -0.04 -16.79 4.55
CA ALA B 206 0.21 -18.22 4.76
C ALA B 206 -0.15 -19.01 3.50
N PHE B 207 0.60 -20.07 3.21
CA PHE B 207 0.31 -20.89 2.05
C PHE B 207 -0.43 -22.16 2.44
N VAL B 208 -1.48 -22.50 1.71
CA VAL B 208 -2.22 -23.71 2.03
C VAL B 208 -2.62 -24.51 0.80
N SER B 209 -2.20 -25.77 0.76
CA SER B 209 -2.51 -26.64 -0.36
C SER B 209 -4.01 -26.71 -0.53
N SER B 210 -4.47 -26.76 -1.77
CA SER B 210 -5.88 -26.84 -2.07
C SER B 210 -6.29 -28.31 -2.16
N GLY B 211 -5.31 -29.20 -1.99
CA GLY B 211 -5.59 -30.62 -2.05
C GLY B 211 -4.35 -31.49 -1.91
N TYR B 212 -4.44 -32.74 -2.36
CA TYR B 212 -3.33 -33.69 -2.26
C TYR B 212 -3.30 -34.64 -3.46
N TYR B 213 -2.25 -35.45 -3.54
CA TYR B 213 -2.10 -36.43 -4.63
C TYR B 213 -1.94 -37.88 -4.16
N ARG B 214 -2.77 -38.78 -4.70
CA ARG B 214 -2.74 -40.19 -4.34
C ARG B 214 -2.00 -40.96 -5.45
N TYR B 215 -1.44 -42.11 -5.09
CA TYR B 215 -0.75 -42.95 -6.05
C TYR B 215 -1.78 -44.02 -6.46
N SER B 216 -1.82 -44.40 -7.74
CA SER B 216 -2.77 -45.43 -8.17
C SER B 216 -2.36 -46.08 -9.49
N ALA B 217 -2.15 -47.40 -9.48
CA ALA B 217 -1.76 -48.15 -10.67
C ALA B 217 -2.96 -48.84 -11.29
N THR B 218 -4.14 -48.36 -10.92
CA THR B 218 -5.39 -48.90 -11.40
C THR B 218 -6.23 -47.85 -12.16
N THR B 219 -6.15 -46.59 -11.70
CA THR B 219 -6.91 -45.47 -12.26
C THR B 219 -6.86 -45.16 -13.78
N SER B 220 -5.74 -45.40 -14.45
CA SER B 220 -5.68 -45.16 -15.90
C SER B 220 -4.94 -46.31 -16.59
N GLU B 221 -5.46 -46.74 -17.74
CA GLU B 221 -4.88 -47.85 -18.49
C GLU B 221 -3.40 -47.71 -18.80
N SER B 222 -3.00 -46.52 -19.23
CA SER B 222 -1.61 -46.24 -19.58
C SER B 222 -0.57 -46.62 -18.51
N GLY B 223 -0.99 -46.69 -17.24
CA GLY B 223 -0.05 -47.07 -16.18
C GLY B 223 -0.19 -46.28 -14.87
N THR B 224 0.73 -46.55 -13.94
CA THR B 224 0.72 -45.86 -12.64
C THR B 224 0.54 -44.36 -12.86
N SER B 225 -0.13 -43.68 -11.94
CA SER B 225 -0.36 -42.24 -12.07
C SER B 225 -0.86 -41.60 -10.77
N LEU B 226 -0.76 -40.27 -10.67
CA LEU B 226 -1.20 -39.56 -9.47
C LEU B 226 -2.50 -38.78 -9.63
N VAL B 227 -3.49 -39.09 -8.79
CA VAL B 227 -4.78 -38.41 -8.84
C VAL B 227 -4.88 -37.33 -7.78
N TYR B 228 -5.49 -36.21 -8.16
CA TYR B 228 -5.66 -35.10 -7.24
C TYR B 228 -7.10 -35.00 -6.77
N ARG B 229 -7.31 -35.05 -5.46
CA ARG B 229 -8.64 -34.93 -4.92
C ARG B 229 -8.60 -33.59 -4.18
N ASP B 230 -9.64 -32.79 -4.39
CA ASP B 230 -9.73 -31.49 -3.74
C ASP B 230 -9.83 -31.61 -2.22
N TRP B 231 -9.12 -30.73 -1.53
CA TRP B 231 -9.18 -30.66 -0.07
C TRP B 231 -10.55 -30.04 0.08
N PRO B 232 -11.49 -30.70 0.74
CA PRO B 232 -12.69 -29.86 0.77
C PRO B 232 -12.24 -28.58 1.54
N VAL B 233 -11.89 -27.48 0.84
CA VAL B 233 -11.38 -26.26 1.51
C VAL B 233 -12.01 -24.90 1.27
N GLY B 234 -12.32 -24.57 0.02
CA GLY B 234 -12.92 -23.27 -0.30
C GLY B 234 -13.97 -22.81 0.72
N ALA B 235 -13.51 -22.09 1.75
CA ALA B 235 -14.35 -21.57 2.83
C ALA B 235 -15.61 -22.42 3.09
N ALA B 236 -15.40 -23.72 3.36
CA ALA B 236 -16.49 -24.64 3.67
C ALA B 236 -16.46 -24.85 5.18
N MET B 237 -15.90 -25.97 5.63
CA MET B 237 -15.80 -26.26 7.06
C MET B 237 -14.33 -26.36 7.49
N PRO B 238 -13.86 -25.46 8.37
CA PRO B 238 -12.47 -25.45 8.86
C PRO B 238 -12.06 -26.75 9.54
N ARG B 239 -11.49 -27.66 8.73
CA ARG B 239 -11.03 -29.02 9.08
C ARG B 239 -10.12 -29.28 10.30
N LYS B 240 -10.30 -30.45 10.93
CA LYS B 240 -9.50 -30.86 12.10
C LYS B 240 -8.40 -31.83 11.67
N LEU B 241 -7.30 -31.91 12.43
CA LEU B 241 -6.18 -32.81 12.06
C LEU B 241 -6.57 -34.28 11.96
N ASN B 242 -7.56 -34.67 12.75
CA ASN B 242 -8.09 -36.04 12.77
C ASN B 242 -8.13 -36.49 11.30
N ARG B 243 -8.82 -35.68 10.49
CA ARG B 243 -8.99 -35.89 9.05
C ARG B 243 -7.67 -35.82 8.28
N LEU B 244 -6.80 -34.91 8.69
CA LEU B 244 -5.52 -34.75 8.00
C LEU B 244 -4.54 -35.91 8.08
N PHE B 245 -4.60 -36.66 9.16
CA PHE B 245 -3.70 -37.79 9.28
C PHE B 245 -4.33 -38.92 8.46
N THR B 246 -5.61 -39.19 8.73
CA THR B 246 -6.32 -40.26 8.05
C THR B 246 -6.05 -40.24 6.55
N VAL B 247 -5.83 -39.05 5.99
CA VAL B 247 -5.56 -38.95 4.55
C VAL B 247 -4.10 -39.27 4.24
N LEU B 248 -3.20 -38.94 5.14
CA LEU B 248 -1.81 -39.25 4.91
C LEU B 248 -1.67 -40.78 4.95
N ARG B 249 -2.30 -41.42 5.93
CA ARG B 249 -2.27 -42.88 6.07
C ARG B 249 -2.69 -43.47 4.72
N GLU B 250 -3.77 -42.93 4.15
CA GLU B 250 -4.29 -43.39 2.86
C GLU B 250 -3.20 -43.24 1.83
N LEU B 251 -2.57 -42.07 1.85
CA LEU B 251 -1.52 -41.74 0.92
C LEU B 251 -0.33 -42.68 0.90
N LEU B 252 0.22 -42.98 2.07
CA LEU B 252 1.35 -43.87 2.16
C LEU B 252 0.94 -45.33 1.99
N ASP B 253 -0.14 -45.76 2.63
CA ASP B 253 -0.56 -47.14 2.47
C ASP B 253 -0.84 -47.38 0.97
N ALA B 254 -1.03 -46.29 0.22
CA ALA B 254 -1.30 -46.36 -1.21
C ALA B 254 -0.01 -46.54 -2.01
N ILE B 255 1.03 -45.84 -1.61
CA ILE B 255 2.33 -45.92 -2.27
C ILE B 255 2.91 -47.32 -2.03
N TYR B 256 2.59 -47.86 -0.86
CA TYR B 256 3.07 -49.17 -0.45
C TYR B 256 2.33 -50.30 -1.15
N GLY B 257 1.10 -50.02 -1.60
CA GLY B 257 0.29 -51.03 -2.26
C GLY B 257 0.72 -51.52 -3.63
N ASP B 258 1.72 -50.89 -4.22
CA ASP B 258 2.19 -51.30 -5.54
C ASP B 258 3.47 -52.10 -5.41
N ALA B 259 3.38 -53.41 -5.62
CA ALA B 259 4.55 -54.26 -5.55
C ALA B 259 5.70 -53.60 -6.31
N ASP B 260 5.40 -53.13 -7.52
CA ASP B 260 6.38 -52.47 -8.37
C ASP B 260 7.06 -51.32 -7.61
N ALA B 261 6.26 -50.42 -7.04
CA ALA B 261 6.81 -49.28 -6.31
C ALA B 261 7.83 -49.70 -5.26
N GLN B 262 7.53 -50.75 -4.50
CA GLN B 262 8.46 -51.21 -3.47
C GLN B 262 9.73 -51.71 -4.11
N THR B 263 9.59 -52.54 -5.13
CA THR B 263 10.76 -53.05 -5.84
C THR B 263 11.60 -51.85 -6.26
N MET B 264 10.97 -50.67 -6.36
CA MET B 264 11.69 -49.45 -6.72
C MET B 264 12.43 -48.91 -5.51
N PHE B 265 11.71 -48.78 -4.40
CA PHE B 265 12.29 -48.30 -3.15
C PHE B 265 13.64 -48.95 -3.02
N GLY B 266 13.66 -50.26 -3.21
CA GLY B 266 14.89 -51.02 -3.11
C GLY B 266 15.97 -50.46 -4.01
N ASP B 267 15.69 -50.44 -5.31
CA ASP B 267 16.64 -49.95 -6.30
C ASP B 267 17.24 -48.60 -5.92
N ILE B 268 16.47 -47.82 -5.16
CA ILE B 268 16.94 -46.52 -4.73
C ILE B 268 17.97 -46.58 -3.62
N TYR B 269 17.67 -47.30 -2.54
CA TYR B 269 18.64 -47.40 -1.44
C TYR B 269 19.93 -47.93 -2.03
N LYS B 270 19.80 -48.86 -3.00
CA LYS B 270 20.95 -49.47 -3.67
C LYS B 270 21.86 -48.42 -4.28
N ALA B 271 21.25 -47.38 -4.83
CA ALA B 271 22.00 -46.33 -5.49
C ALA B 271 22.20 -45.02 -4.73
N PHE B 272 21.51 -44.82 -3.61
CA PHE B 272 21.67 -43.57 -2.86
C PHE B 272 22.25 -43.71 -1.48
N GLY B 273 21.86 -44.75 -0.76
CA GLY B 273 22.39 -44.97 0.57
C GLY B 273 21.65 -44.38 1.76
N SER B 274 21.93 -44.98 2.92
CA SER B 274 21.35 -44.59 4.18
C SER B 274 21.00 -43.11 4.21
N ASP B 275 22.00 -42.26 4.01
CA ASP B 275 21.80 -40.81 4.04
C ASP B 275 21.70 -40.11 2.69
N GLY B 276 21.32 -40.87 1.67
CA GLY B 276 21.17 -40.24 0.37
C GLY B 276 19.70 -39.85 0.29
N LEU B 277 18.97 -40.23 1.33
CA LEU B 277 17.53 -39.98 1.42
C LEU B 277 17.05 -38.82 2.29
N TYR B 278 15.90 -38.26 1.91
CA TYR B 278 15.34 -37.15 2.66
C TYR B 278 14.86 -37.62 4.01
N SER B 279 14.90 -36.71 4.99
CA SER B 279 14.48 -37.04 6.33
C SER B 279 13.85 -35.82 6.97
N ILE B 280 12.64 -36.01 7.48
CA ILE B 280 11.95 -34.92 8.16
C ILE B 280 12.22 -35.14 9.65
N ALA B 281 12.51 -34.06 10.36
CA ALA B 281 12.84 -34.20 11.78
C ALA B 281 11.64 -34.19 12.72
N GLU B 282 11.72 -35.00 13.77
CA GLU B 282 10.66 -35.11 14.78
C GLU B 282 10.46 -33.76 15.46
N ILE B 283 9.63 -33.71 16.50
CA ILE B 283 9.41 -32.44 17.19
C ILE B 283 9.64 -32.55 18.68
N SER B 284 10.55 -31.73 19.20
CA SER B 284 10.86 -31.76 20.63
C SER B 284 9.74 -31.34 21.55
N VAL B 285 9.98 -31.53 22.84
CA VAL B 285 9.02 -31.21 23.89
C VAL B 285 8.82 -29.68 23.96
N ASP B 286 9.89 -28.97 23.63
CA ASP B 286 9.86 -27.51 23.63
C ASP B 286 9.46 -26.84 22.33
N GLU B 287 9.88 -27.44 21.22
CA GLU B 287 9.63 -26.84 19.91
C GLU B 287 8.38 -26.01 19.78
N THR B 288 8.63 -24.89 19.14
CA THR B 288 7.71 -23.84 18.86
C THR B 288 8.40 -23.03 17.77
N SER B 289 7.70 -22.80 16.67
CA SER B 289 8.29 -22.04 15.60
C SER B 289 7.73 -20.62 15.58
N THR B 290 8.38 -19.73 14.85
CA THR B 290 7.94 -18.34 14.83
C THR B 290 7.61 -17.81 13.46
N PRO B 291 6.73 -16.79 13.41
CA PRO B 291 6.37 -16.19 12.12
C PRO B 291 7.65 -15.58 11.59
N VAL B 292 7.90 -15.74 10.29
CA VAL B 292 9.12 -15.21 9.73
C VAL B 292 8.91 -13.98 8.89
N PHE B 293 9.95 -13.17 8.76
CA PHE B 293 9.88 -11.98 7.95
C PHE B 293 10.79 -12.17 6.74
N ASP B 294 10.36 -12.99 5.79
CA ASP B 294 11.15 -13.23 4.59
C ASP B 294 10.69 -12.28 3.50
N VAL B 295 11.55 -11.35 3.14
CA VAL B 295 11.24 -10.36 2.12
C VAL B 295 11.06 -11.01 0.76
N ASP B 296 11.94 -11.92 0.40
CA ASP B 296 11.85 -12.61 -0.89
C ASP B 296 10.45 -13.21 -1.05
N ILE B 297 9.93 -13.86 -0.02
CA ILE B 297 8.61 -14.45 -0.12
C ILE B 297 7.55 -13.38 -0.38
N LEU B 298 7.60 -12.27 0.35
CA LEU B 298 6.62 -11.21 0.12
C LEU B 298 6.69 -10.81 -1.36
N ALA B 299 7.88 -10.56 -1.85
CA ALA B 299 8.05 -10.17 -3.24
C ALA B 299 7.33 -11.16 -4.15
N GLN B 300 7.55 -12.46 -3.92
CA GLN B 300 6.91 -13.49 -4.72
C GLN B 300 5.42 -13.24 -4.75
N ILE B 301 4.87 -12.91 -3.58
CA ILE B 301 3.45 -12.62 -3.42
C ILE B 301 3.03 -11.47 -4.32
N GLU B 302 3.53 -10.28 -3.97
CA GLU B 302 3.23 -9.07 -4.71
C GLU B 302 3.18 -9.36 -6.22
N ASN B 303 4.15 -10.12 -6.70
CA ASN B 303 4.22 -10.42 -8.14
C ASN B 303 3.36 -11.54 -8.68
N CYS B 304 3.09 -12.54 -7.85
CA CYS B 304 2.29 -13.69 -8.26
C CYS B 304 1.08 -13.35 -9.14
N THR B 305 0.41 -14.43 -9.56
CA THR B 305 -0.77 -14.36 -10.39
C THR B 305 -1.86 -15.23 -9.76
N ILE B 306 -3.05 -14.67 -9.56
CA ILE B 306 -4.16 -15.44 -8.97
C ILE B 306 -4.93 -16.06 -10.10
N LEU B 307 -5.16 -17.37 -10.03
CA LEU B 307 -5.91 -18.05 -11.09
C LEU B 307 -7.32 -17.48 -11.10
N GLU B 308 -8.02 -17.70 -10.01
CA GLU B 308 -9.36 -17.18 -9.86
C GLU B 308 -9.16 -15.66 -9.78
N ALA B 309 -8.90 -15.07 -10.94
CA ALA B 309 -8.63 -13.64 -11.09
C ALA B 309 -9.66 -12.68 -10.52
N ASN B 310 -10.87 -13.17 -10.26
CA ASN B 310 -11.92 -12.31 -9.69
C ASN B 310 -13.02 -13.18 -9.08
N ALA B 311 -13.10 -13.18 -7.75
CA ALA B 311 -14.07 -13.99 -7.01
C ALA B 311 -15.55 -13.73 -7.37
N GLY B 312 -15.77 -12.76 -8.24
CA GLY B 312 -17.13 -12.44 -8.66
C GLY B 312 -17.68 -13.48 -9.63
N LEU B 313 -16.82 -14.41 -10.02
CA LEU B 313 -17.22 -15.47 -10.95
C LEU B 313 -17.14 -16.83 -10.28
N ALA B 314 -17.46 -17.88 -11.03
CA ALA B 314 -17.43 -19.24 -10.50
C ALA B 314 -16.36 -20.02 -11.26
N TRP B 315 -15.41 -20.60 -10.54
CA TRP B 315 -14.32 -21.32 -11.19
C TRP B 315 -14.31 -22.83 -10.96
N THR B 316 -13.78 -23.55 -11.96
CA THR B 316 -13.66 -24.98 -11.90
C THR B 316 -12.21 -25.35 -12.08
N LEU B 317 -11.92 -26.64 -12.09
CA LEU B 317 -10.56 -27.12 -12.25
C LEU B 317 -10.54 -28.64 -12.25
N ASP B 318 -10.25 -29.21 -13.42
CA ASP B 318 -10.19 -30.66 -13.56
C ASP B 318 -8.95 -31.10 -14.31
N SER B 319 -8.81 -32.40 -14.53
CA SER B 319 -7.67 -32.96 -15.23
C SER B 319 -6.38 -32.49 -14.54
N CYS B 320 -6.35 -32.61 -13.22
CA CYS B 320 -5.17 -32.20 -12.47
C CYS B 320 -4.25 -33.36 -12.19
N ASN B 321 -4.68 -34.54 -12.60
CA ASN B 321 -3.87 -35.72 -12.38
C ASN B 321 -2.60 -35.63 -13.23
N VAL B 322 -1.70 -36.57 -12.97
CA VAL B 322 -0.45 -36.68 -13.70
C VAL B 322 -0.37 -38.10 -14.22
N THR B 323 -0.40 -38.23 -15.54
CA THR B 323 -0.38 -39.52 -16.20
C THR B 323 0.91 -39.74 -17.00
N GLN B 324 0.93 -40.79 -17.80
CA GLN B 324 2.08 -41.11 -18.63
C GLN B 324 1.68 -41.99 -19.83
N SER B 325 1.90 -41.54 -21.07
CA SER B 325 1.55 -42.40 -22.21
C SER B 325 2.80 -42.92 -22.87
N LYS B 326 2.70 -44.13 -23.41
CA LYS B 326 3.80 -44.80 -24.08
C LYS B 326 5.11 -44.63 -23.28
N GLY B 327 5.19 -45.42 -22.22
CA GLY B 327 6.32 -45.47 -21.31
C GLY B 327 7.55 -44.55 -21.42
N GLN B 328 7.35 -43.25 -21.57
CA GLN B 328 8.49 -42.34 -21.63
C GLN B 328 8.16 -40.85 -21.53
N VAL B 329 6.89 -40.51 -21.29
CA VAL B 329 6.48 -39.11 -21.16
C VAL B 329 5.46 -38.84 -20.05
N LEU B 330 5.74 -37.84 -19.22
CA LEU B 330 4.86 -37.47 -18.12
C LEU B 330 3.89 -36.38 -18.53
N LEU B 331 2.67 -36.44 -18.00
CA LEU B 331 1.64 -35.47 -18.35
C LEU B 331 0.88 -34.86 -17.18
N TRP B 332 0.74 -33.54 -17.23
CA TRP B 332 -0.01 -32.78 -16.23
C TRP B 332 -0.24 -31.40 -16.82
N GLN B 333 -1.50 -30.96 -16.81
CA GLN B 333 -1.87 -29.66 -17.31
C GLN B 333 -3.29 -29.46 -16.84
N PRO B 334 -3.46 -28.72 -15.75
CA PRO B 334 -4.82 -28.52 -15.25
C PRO B 334 -5.65 -27.59 -16.14
N THR B 335 -6.92 -27.93 -16.29
CA THR B 335 -7.87 -27.16 -17.10
C THR B 335 -9.07 -26.80 -16.21
N GLY B 336 -9.67 -25.65 -16.49
CA GLY B 336 -10.81 -25.21 -15.71
C GLY B 336 -11.92 -24.63 -16.55
N THR B 337 -12.93 -24.08 -15.88
CA THR B 337 -14.06 -23.47 -16.56
C THR B 337 -14.49 -22.22 -15.82
N ILE B 338 -15.08 -21.26 -16.54
CA ILE B 338 -15.52 -20.02 -15.91
C ILE B 338 -16.97 -19.65 -16.21
N THR B 339 -17.82 -19.68 -15.19
CA THR B 339 -19.23 -19.36 -15.37
C THR B 339 -19.67 -18.24 -14.41
N SER B 340 -20.89 -17.73 -14.58
CA SER B 340 -21.40 -16.67 -13.72
C SER B 340 -21.90 -17.16 -12.36
N SER B 341 -22.00 -16.23 -11.40
CA SER B 341 -22.46 -16.56 -10.05
C SER B 341 -23.88 -17.10 -9.98
N ASP B 342 -24.64 -16.96 -11.06
CA ASP B 342 -26.04 -17.43 -11.09
C ASP B 342 -26.20 -18.77 -11.81
N ASN B 343 -26.01 -18.75 -13.12
CA ASN B 343 -26.12 -19.97 -13.91
C ASN B 343 -24.78 -20.70 -13.82
N THR B 344 -24.66 -21.59 -12.85
CA THR B 344 -23.41 -22.35 -12.68
C THR B 344 -23.08 -23.08 -13.99
N GLU B 345 -23.99 -23.01 -14.96
CA GLU B 345 -23.79 -23.68 -16.24
C GLU B 345 -23.45 -22.79 -17.42
N HIS B 346 -24.03 -21.59 -17.46
CA HIS B 346 -23.75 -20.64 -18.55
C HIS B 346 -22.78 -19.57 -18.08
N ILE B 347 -22.44 -18.65 -18.97
CA ILE B 347 -21.56 -17.55 -18.60
C ILE B 347 -22.39 -16.28 -18.69
N ALA B 348 -23.44 -16.34 -19.50
CA ALA B 348 -24.34 -15.22 -19.68
C ALA B 348 -23.64 -13.91 -19.97
N GLY B 349 -24.18 -12.84 -19.39
CA GLY B 349 -23.62 -11.51 -19.60
C GLY B 349 -22.48 -11.12 -18.69
N ASP B 350 -21.68 -12.08 -18.24
CA ASP B 350 -20.54 -11.78 -17.38
C ASP B 350 -19.29 -11.82 -18.28
N ILE B 351 -18.16 -11.36 -17.76
CA ILE B 351 -16.91 -11.32 -18.55
C ILE B 351 -15.72 -12.10 -17.97
N ALA B 352 -15.27 -13.11 -18.71
CA ALA B 352 -14.13 -13.92 -18.28
C ALA B 352 -12.85 -13.09 -18.36
N VAL B 353 -11.93 -13.32 -17.41
CA VAL B 353 -10.69 -12.58 -17.34
C VAL B 353 -9.45 -13.34 -16.88
N ALA B 354 -8.32 -13.10 -17.54
CA ALA B 354 -7.04 -13.71 -17.17
C ALA B 354 -6.02 -12.69 -17.63
N LEU B 355 -4.86 -12.60 -16.97
CA LEU B 355 -3.91 -11.61 -17.44
C LEU B 355 -2.78 -12.22 -18.23
N GLY B 356 -2.32 -11.45 -19.21
CA GLY B 356 -1.23 -11.86 -20.07
C GLY B 356 -0.06 -11.00 -19.69
N ASP B 357 0.58 -10.35 -20.66
CA ASP B 357 1.72 -9.47 -20.40
C ASP B 357 1.45 -8.74 -19.06
N ARG B 358 2.20 -9.08 -18.01
CA ARG B 358 2.01 -8.50 -16.69
C ARG B 358 3.18 -7.69 -16.17
N VAL B 359 2.98 -7.11 -14.99
CA VAL B 359 4.00 -6.30 -14.35
C VAL B 359 4.85 -7.13 -13.39
N LEU B 360 6.01 -6.58 -13.08
CA LEU B 360 6.99 -7.19 -12.18
C LEU B 360 7.57 -6.04 -11.37
N ASN B 361 7.37 -6.05 -10.06
CA ASN B 361 7.87 -4.96 -9.23
C ASN B 361 8.92 -5.34 -8.22
N SER B 362 10.01 -4.57 -8.21
CA SER B 362 11.13 -4.78 -7.31
C SER B 362 11.16 -3.71 -6.23
N HIS B 363 11.36 -4.09 -4.98
CA HIS B 363 11.41 -3.08 -3.92
C HIS B 363 12.83 -2.55 -3.74
N ILE B 364 13.75 -3.08 -4.55
CA ILE B 364 15.16 -2.70 -4.54
C ILE B 364 15.46 -1.95 -5.84
N MET B 365 16.21 -0.85 -5.74
CA MET B 365 16.53 -0.05 -6.91
C MET B 365 17.34 -0.77 -7.98
N GLU B 366 18.32 -1.56 -7.53
CA GLU B 366 19.18 -2.29 -8.45
C GLU B 366 18.95 -3.80 -8.43
N PRO B 367 17.82 -4.26 -8.98
CA PRO B 367 17.53 -5.69 -8.99
C PRO B 367 18.61 -6.48 -9.73
N GLN B 368 18.99 -7.61 -9.16
CA GLN B 368 20.02 -8.45 -9.76
C GLN B 368 19.32 -9.67 -10.34
N TYR B 369 19.91 -10.28 -11.37
CA TYR B 369 19.34 -11.48 -12.01
C TYR B 369 18.83 -12.45 -10.94
N SER B 370 19.58 -12.55 -9.86
CA SER B 370 19.25 -13.42 -8.74
C SER B 370 17.85 -13.12 -8.23
N ASP B 371 17.67 -11.91 -7.73
CA ASP B 371 16.40 -11.47 -7.18
C ASP B 371 15.23 -11.71 -8.14
N VAL B 372 15.47 -11.62 -9.45
CA VAL B 372 14.39 -11.86 -10.42
C VAL B 372 13.91 -13.29 -10.29
N LEU B 373 14.77 -14.21 -10.67
CA LEU B 373 14.44 -15.61 -10.61
C LEU B 373 13.55 -15.94 -9.41
N GLU B 374 13.99 -15.54 -8.22
CA GLU B 374 13.23 -15.82 -6.98
C GLU B 374 11.85 -15.16 -6.93
N TRP B 375 11.79 -13.86 -7.17
CA TRP B 375 10.53 -13.13 -7.10
C TRP B 375 9.51 -13.52 -8.17
N THR B 376 9.95 -14.31 -9.14
CA THR B 376 9.11 -14.73 -10.24
C THR B 376 8.08 -15.81 -9.94
N ARG B 377 8.45 -17.02 -10.35
CA ARG B 377 7.59 -18.19 -10.23
C ARG B 377 6.74 -18.31 -8.97
N LEU B 378 5.57 -17.72 -9.12
CA LEU B 378 4.50 -17.69 -8.16
C LEU B 378 3.45 -17.08 -9.08
N MET B 379 3.96 -16.53 -10.18
CA MET B 379 3.10 -15.95 -11.20
C MET B 379 2.97 -16.97 -12.31
N ALA B 380 1.78 -17.05 -12.89
CA ALA B 380 1.52 -18.00 -13.96
C ALA B 380 0.71 -17.42 -15.10
N THR B 381 0.59 -18.18 -16.17
CA THR B 381 -0.16 -17.75 -17.34
C THR B 381 -1.29 -18.70 -17.66
N ILE B 382 -2.46 -18.13 -17.92
CA ILE B 382 -3.66 -18.88 -18.26
C ILE B 382 -4.11 -18.44 -19.66
N GLU B 383 -4.36 -19.38 -20.57
CA GLU B 383 -4.79 -19.04 -21.93
C GLU B 383 -6.16 -19.63 -22.23
N PHE B 384 -7.02 -18.83 -22.85
CA PHE B 384 -8.36 -19.27 -23.20
C PHE B 384 -8.32 -20.24 -24.36
N ASP B 385 -9.34 -21.08 -24.47
CA ASP B 385 -9.37 -22.05 -25.55
C ASP B 385 -9.93 -21.53 -26.87
N LYS B 386 -11.24 -21.29 -26.94
CA LYS B 386 -11.81 -20.78 -28.17
C LYS B 386 -11.56 -19.27 -28.20
N ALA B 387 -11.54 -18.71 -29.41
CA ALA B 387 -11.29 -17.28 -29.55
C ALA B 387 -12.50 -16.41 -29.20
N SER B 388 -13.69 -17.00 -29.24
CA SER B 388 -14.94 -16.27 -28.94
C SER B 388 -15.99 -17.19 -28.31
N VAL B 389 -17.01 -16.62 -27.68
CA VAL B 389 -18.06 -17.42 -27.01
C VAL B 389 -19.51 -16.87 -26.98
N THR B 390 -20.48 -17.74 -26.68
CA THR B 390 -21.91 -17.39 -26.60
C THR B 390 -22.39 -17.45 -25.15
N SER B 391 -23.43 -16.70 -24.82
CA SER B 391 -23.96 -16.69 -23.46
C SER B 391 -24.34 -18.09 -22.99
N SER B 392 -24.68 -18.95 -23.95
CA SER B 392 -25.07 -20.33 -23.65
C SER B 392 -23.87 -21.27 -23.47
N GLU B 393 -22.66 -20.77 -23.74
CA GLU B 393 -21.43 -21.58 -23.61
C GLU B 393 -20.79 -21.52 -22.21
N LYS B 394 -19.57 -22.05 -22.09
CA LYS B 394 -18.89 -22.10 -20.81
C LYS B 394 -17.54 -21.38 -20.59
N VAL B 395 -16.82 -20.99 -21.65
CA VAL B 395 -15.50 -20.32 -21.46
C VAL B 395 -14.48 -21.27 -20.84
N THR B 396 -13.88 -22.08 -21.71
CA THR B 396 -12.90 -23.08 -21.32
C THR B 396 -11.47 -22.52 -21.33
N PHE B 397 -10.62 -23.04 -20.45
CA PHE B 397 -9.22 -22.60 -20.37
C PHE B 397 -8.22 -23.66 -19.89
N LYS B 398 -6.96 -23.48 -20.32
CA LYS B 398 -5.86 -24.37 -19.95
C LYS B 398 -4.85 -23.47 -19.20
N VAL B 399 -3.79 -24.06 -18.65
CA VAL B 399 -2.76 -23.30 -17.93
C VAL B 399 -1.45 -23.39 -18.72
N THR B 400 -1.07 -22.31 -19.42
CA THR B 400 0.16 -22.34 -20.24
C THR B 400 1.40 -22.68 -19.44
N SER B 401 1.60 -22.01 -18.31
CA SER B 401 2.77 -22.29 -17.48
C SER B 401 2.60 -21.61 -16.15
N CYS B 402 3.37 -22.05 -15.17
CA CYS B 402 3.29 -21.48 -13.83
C CYS B 402 4.50 -21.90 -13.02
N GLY B 403 4.52 -21.48 -11.76
CA GLY B 403 5.64 -21.82 -10.89
C GLY B 403 5.49 -23.18 -10.23
N ALA B 404 6.07 -23.32 -9.05
CA ALA B 404 5.99 -24.57 -8.32
C ALA B 404 4.78 -24.57 -7.41
N GLU B 405 4.16 -23.40 -7.27
CA GLU B 405 2.98 -23.27 -6.41
C GLU B 405 1.66 -23.09 -7.14
N LEU B 406 1.50 -21.99 -7.85
CA LEU B 406 0.24 -21.71 -8.57
C LEU B 406 -0.91 -21.31 -7.63
N ILE B 407 -0.99 -20.02 -7.36
CA ILE B 407 -2.01 -19.50 -6.49
C ILE B 407 -3.38 -19.63 -7.11
N ARG B 408 -4.29 -20.29 -6.41
CA ARG B 408 -5.65 -20.48 -6.90
C ARG B 408 -6.57 -19.30 -6.55
N ASN B 409 -6.88 -19.12 -5.26
CA ASN B 409 -7.71 -17.99 -4.84
C ASN B 409 -7.12 -17.38 -3.58
N VAL B 410 -7.48 -16.14 -3.29
CA VAL B 410 -6.94 -15.50 -2.09
C VAL B 410 -8.00 -14.74 -1.30
N LEU B 411 -8.01 -14.98 0.01
CA LEU B 411 -8.95 -14.31 0.90
C LEU B 411 -8.22 -13.77 2.12
N TYR B 412 -8.66 -12.61 2.61
CA TYR B 412 -8.07 -12.01 3.81
C TYR B 412 -9.18 -11.88 4.84
N PHE B 413 -8.81 -11.85 6.12
CA PHE B 413 -9.79 -11.78 7.19
C PHE B 413 -9.56 -10.71 8.25
N LYS B 414 -10.66 -10.31 8.90
CA LYS B 414 -10.60 -9.33 9.96
C LYS B 414 -11.69 -9.68 10.97
N ASN B 415 -11.58 -9.11 12.17
CA ASN B 415 -12.59 -9.32 13.19
C ASN B 415 -13.51 -8.12 13.13
N VAL B 416 -14.81 -8.35 13.32
CA VAL B 416 -15.76 -7.26 13.35
C VAL B 416 -16.41 -7.44 14.72
N TRP B 417 -16.49 -6.37 15.51
CA TRP B 417 -17.03 -6.45 16.87
C TRP B 417 -18.49 -6.01 17.10
N ASN B 418 -19.10 -6.56 18.14
CA ASN B 418 -20.51 -6.25 18.43
C ASN B 418 -20.80 -6.03 19.92
N ASP B 419 -21.04 -4.78 20.33
CA ASP B 419 -21.34 -4.47 21.72
C ASP B 419 -22.54 -5.26 22.23
N ALA B 420 -23.69 -5.09 21.57
CA ALA B 420 -24.94 -5.77 21.94
C ALA B 420 -24.90 -7.26 21.64
N ALA B 421 -24.33 -8.02 22.57
CA ALA B 421 -24.22 -9.46 22.42
C ALA B 421 -25.52 -10.19 22.67
N GLU B 422 -26.20 -10.53 21.57
CA GLU B 422 -27.46 -11.26 21.65
C GLU B 422 -27.10 -12.66 22.16
N ASP B 423 -25.80 -12.97 22.07
CA ASP B 423 -25.26 -14.26 22.50
C ASP B 423 -24.01 -13.96 23.35
N ALA B 424 -22.89 -14.55 22.96
CA ALA B 424 -21.62 -14.35 23.65
C ALA B 424 -20.56 -14.74 22.65
N SER B 425 -20.76 -15.90 22.03
CA SER B 425 -19.85 -16.41 21.02
C SER B 425 -20.24 -15.76 19.70
N GLN B 426 -21.19 -14.84 19.77
CA GLN B 426 -21.67 -14.14 18.60
C GLN B 426 -21.25 -12.68 18.62
N ARG B 427 -20.43 -12.28 19.59
CA ARG B 427 -20.04 -10.87 19.65
C ARG B 427 -18.66 -10.51 19.10
N VAL B 428 -18.04 -11.46 18.40
CA VAL B 428 -16.74 -11.25 17.76
C VAL B 428 -16.68 -12.15 16.54
N ILE B 429 -17.25 -11.65 15.44
CA ILE B 429 -17.31 -12.39 14.20
C ILE B 429 -16.07 -12.22 13.32
N THR B 430 -15.58 -13.33 12.79
CA THR B 430 -14.42 -13.32 11.93
C THR B 430 -14.94 -13.41 10.51
N TYR B 431 -14.85 -12.32 9.75
CA TYR B 431 -15.35 -12.36 8.37
C TYR B 431 -14.25 -12.22 7.32
N PHE B 432 -14.52 -12.75 6.14
CA PHE B 432 -13.59 -12.71 5.02
C PHE B 432 -13.99 -11.76 3.90
N SER B 433 -13.02 -11.42 3.06
CA SER B 433 -13.27 -10.55 1.92
C SER B 433 -12.48 -11.20 0.79
N HIS B 434 -13.11 -11.36 -0.37
CA HIS B 434 -12.42 -11.99 -1.48
C HIS B 434 -11.47 -10.99 -2.11
N PHE B 435 -10.31 -11.47 -2.55
CA PHE B 435 -9.33 -10.61 -3.21
C PHE B 435 -9.25 -10.96 -4.67
N SER B 436 -9.66 -10.01 -5.51
CA SER B 436 -9.67 -10.21 -6.95
C SER B 436 -8.49 -9.49 -7.56
N GLN B 437 -7.69 -10.20 -8.35
CA GLN B 437 -6.52 -9.60 -8.98
C GLN B 437 -6.86 -8.73 -10.18
N ILE B 438 -7.95 -9.05 -10.88
CA ILE B 438 -8.38 -8.29 -12.04
C ILE B 438 -9.79 -7.75 -11.78
N THR B 439 -9.99 -6.44 -12.00
CA THR B 439 -11.29 -5.82 -11.76
C THR B 439 -11.54 -4.66 -12.72
N VAL B 440 -12.67 -3.97 -12.53
CA VAL B 440 -13.05 -2.84 -13.37
C VAL B 440 -13.46 -1.59 -12.61
N THR B 441 -13.17 -0.43 -13.19
CA THR B 441 -13.53 0.84 -12.58
C THR B 441 -15.01 0.81 -12.23
N ASN B 442 -15.33 1.25 -11.02
CA ASN B 442 -16.71 1.29 -10.57
C ASN B 442 -17.30 -0.08 -10.29
N ALA B 443 -16.50 -0.96 -9.70
CA ALA B 443 -17.00 -2.28 -9.36
C ALA B 443 -17.38 -2.16 -7.90
N THR B 444 -18.21 -3.07 -7.42
CA THR B 444 -18.62 -3.04 -6.03
C THR B 444 -18.33 -4.38 -5.39
N ASP B 445 -18.13 -4.42 -4.07
CA ASP B 445 -17.85 -5.69 -3.39
C ASP B 445 -19.09 -6.58 -3.28
N ASP B 446 -20.12 -6.23 -4.05
CA ASP B 446 -21.37 -6.99 -4.10
C ASP B 446 -21.33 -7.86 -5.34
N PRO B 447 -21.45 -9.19 -5.18
CA PRO B 447 -21.42 -10.04 -6.38
C PRO B 447 -22.37 -9.46 -7.43
N THR B 448 -23.51 -8.97 -6.95
CA THR B 448 -24.57 -8.37 -7.74
C THR B 448 -24.22 -7.97 -9.18
N SER B 449 -23.92 -6.69 -9.41
CA SER B 449 -23.62 -6.24 -10.76
C SER B 449 -22.14 -6.15 -11.10
N ALA B 450 -21.87 -5.29 -12.07
CA ALA B 450 -20.53 -5.01 -12.58
C ALA B 450 -20.12 -6.19 -13.47
N TYR B 451 -20.96 -6.53 -14.43
CA TYR B 451 -20.67 -7.63 -15.36
C TYR B 451 -20.13 -8.88 -14.68
N GLY B 452 -20.45 -9.05 -13.40
CA GLY B 452 -20.00 -10.21 -12.66
C GLY B 452 -18.60 -10.11 -12.07
N LEU B 453 -18.04 -8.92 -12.00
CA LEU B 453 -16.71 -8.71 -11.45
C LEU B 453 -16.72 -7.81 -10.21
N MET B 454 -16.33 -8.37 -9.07
CA MET B 454 -16.31 -7.62 -7.84
C MET B 454 -15.11 -6.69 -7.76
N SER B 455 -15.20 -5.70 -6.88
CA SER B 455 -14.08 -4.78 -6.65
C SER B 455 -13.56 -5.31 -5.33
N ASN B 456 -12.54 -4.69 -4.77
CA ASN B 456 -12.06 -5.22 -3.51
C ASN B 456 -12.45 -4.36 -2.33
N THR B 457 -12.93 -5.01 -1.27
CA THR B 457 -13.31 -4.31 -0.05
C THR B 457 -12.01 -3.57 0.26
N LEU B 458 -12.02 -2.26 0.04
CA LEU B 458 -10.85 -1.39 0.20
C LEU B 458 -9.84 -1.61 1.33
N ASP B 459 -10.22 -2.30 2.40
CA ASP B 459 -9.26 -2.47 3.50
C ASP B 459 -8.07 -3.36 3.18
N PHE B 460 -8.05 -3.94 1.99
CA PHE B 460 -6.95 -4.81 1.62
C PHE B 460 -5.59 -4.10 1.64
N THR B 461 -5.60 -2.78 1.55
CA THR B 461 -4.34 -2.02 1.55
C THR B 461 -3.51 -2.26 2.79
N GLN B 462 -4.12 -2.86 3.81
CA GLN B 462 -3.41 -3.13 5.05
C GLN B 462 -2.29 -4.15 4.85
N LEU B 463 -2.36 -4.89 3.75
CA LEU B 463 -1.36 -5.89 3.44
C LEU B 463 -0.21 -5.32 2.61
N ASP B 464 0.75 -4.66 3.26
CA ASP B 464 1.88 -4.11 2.50
C ASP B 464 2.43 -5.33 1.76
N TRP B 465 2.60 -5.19 0.44
CA TRP B 465 3.11 -6.25 -0.43
C TRP B 465 2.04 -7.11 -1.08
N HIS B 466 0.80 -6.64 -1.06
CA HIS B 466 -0.29 -7.40 -1.69
C HIS B 466 -0.04 -7.51 -3.17
N PRO B 467 -0.61 -8.53 -3.81
CA PRO B 467 -0.45 -8.75 -5.25
C PRO B 467 -0.93 -7.56 -6.03
N ILE B 468 -0.35 -7.40 -7.21
CA ILE B 468 -0.68 -6.29 -8.09
C ILE B 468 -2.10 -6.44 -8.57
N ILE B 469 -2.89 -5.40 -8.35
CA ILE B 469 -4.27 -5.42 -8.79
C ILE B 469 -4.31 -4.70 -10.12
N TYR B 470 -4.86 -5.37 -11.13
CA TYR B 470 -4.97 -4.78 -12.44
C TYR B 470 -6.44 -4.42 -12.67
N VAL B 471 -6.71 -3.12 -12.78
CA VAL B 471 -8.05 -2.61 -13.01
C VAL B 471 -8.17 -2.10 -14.44
N THR B 472 -9.21 -2.55 -15.14
CA THR B 472 -9.43 -2.13 -16.52
C THR B 472 -10.39 -0.97 -16.62
N GLU B 473 -10.09 -0.04 -17.52
CA GLU B 473 -10.97 1.10 -17.71
C GLU B 473 -11.51 1.19 -19.14
N THR B 474 -12.82 1.38 -19.23
CA THR B 474 -13.50 1.50 -20.51
C THR B 474 -13.00 2.78 -21.17
N SER B 475 -12.77 2.76 -22.48
CA SER B 475 -12.28 3.96 -23.18
C SER B 475 -13.03 5.22 -22.73
N VAL B 476 -14.23 5.02 -22.19
CA VAL B 476 -15.07 6.10 -21.68
C VAL B 476 -14.35 6.80 -20.51
N HIS B 477 -14.15 6.04 -19.42
CA HIS B 477 -13.48 6.55 -18.20
C HIS B 477 -12.07 7.11 -18.48
N ASN B 478 -11.42 6.59 -19.51
CA ASN B 478 -10.07 7.04 -19.83
C ASN B 478 -10.00 8.45 -20.41
N VAL B 479 -8.95 9.16 -20.02
CA VAL B 479 -8.73 10.53 -20.46
C VAL B 479 -8.16 10.54 -21.88
N ALA B 480 -7.93 9.34 -22.45
CA ALA B 480 -7.37 9.21 -23.79
C ALA B 480 -8.30 8.52 -24.78
N ASN B 481 -9.57 8.43 -24.44
CA ASN B 481 -10.61 7.82 -25.29
C ASN B 481 -10.27 6.41 -25.81
N LEU B 482 -9.09 5.91 -25.44
CA LEU B 482 -8.61 4.58 -25.81
C LEU B 482 -8.65 3.79 -24.50
N ASN B 483 -9.25 2.61 -24.50
CA ASN B 483 -9.31 1.84 -23.25
C ASN B 483 -8.00 1.14 -22.92
N SER B 484 -7.74 1.03 -21.62
CA SER B 484 -6.53 0.39 -21.11
C SER B 484 -6.76 -0.13 -19.69
N ILE B 485 -5.68 -0.24 -18.93
CA ILE B 485 -5.75 -0.75 -17.57
C ILE B 485 -4.89 0.03 -16.55
N LEU B 486 -5.42 0.17 -15.34
CA LEU B 486 -4.76 0.87 -14.24
C LEU B 486 -4.05 -0.13 -13.33
N ILE B 487 -2.93 0.30 -12.75
CA ILE B 487 -2.16 -0.58 -11.88
C ILE B 487 -2.30 -0.21 -10.41
N GLY B 488 -2.41 -1.23 -9.56
CA GLY B 488 -2.55 -1.00 -8.13
C GLY B 488 -1.56 -1.80 -7.31
N GLY B 489 -0.90 -1.15 -6.35
CA GLY B 489 0.08 -1.83 -5.52
C GLY B 489 1.34 -0.99 -5.31
N ASP B 490 1.95 -1.13 -4.14
CA ASP B 490 3.15 -0.35 -3.83
C ASP B 490 4.28 -0.55 -4.85
N LEU B 491 4.22 0.20 -5.93
CA LEU B 491 5.23 0.14 -6.97
C LEU B 491 6.41 1.00 -6.54
N LYS B 492 7.59 0.57 -6.94
CA LYS B 492 8.82 1.29 -6.65
C LYS B 492 9.58 1.19 -7.96
N ARG B 493 10.23 0.06 -8.18
CA ARG B 493 10.97 -0.15 -9.42
C ARG B 493 10.26 -1.22 -10.23
N PRO B 494 9.33 -0.81 -11.08
CA PRO B 494 8.58 -1.74 -11.91
C PRO B 494 9.17 -2.03 -13.28
N THR B 495 8.55 -2.99 -13.96
CA THR B 495 8.92 -3.43 -15.31
C THR B 495 7.88 -4.43 -15.82
N VAL B 496 7.93 -4.77 -17.11
CA VAL B 496 6.94 -5.69 -17.66
C VAL B 496 7.51 -6.94 -18.34
N ILE B 497 6.85 -8.08 -18.11
CA ILE B 497 7.27 -9.35 -18.73
C ILE B 497 6.21 -9.83 -19.71
N THR B 498 6.66 -10.45 -20.80
CA THR B 498 5.75 -10.94 -21.83
C THR B 498 5.15 -12.31 -21.48
N THR B 499 3.92 -12.55 -21.93
CA THR B 499 3.24 -13.83 -21.69
C THR B 499 4.27 -14.89 -21.99
N ASP B 500 4.81 -14.81 -23.20
CA ASP B 500 5.81 -15.76 -23.66
C ASP B 500 7.08 -15.72 -22.82
N VAL B 501 7.57 -14.54 -22.47
CA VAL B 501 8.78 -14.44 -21.65
C VAL B 501 8.62 -15.12 -20.28
N VAL B 502 7.41 -15.08 -19.75
CA VAL B 502 7.12 -15.70 -18.46
C VAL B 502 7.12 -17.21 -18.58
N LYS B 503 6.39 -17.74 -19.55
CA LYS B 503 6.31 -19.19 -19.77
C LYS B 503 7.74 -19.71 -19.77
N ARG B 504 8.55 -19.13 -20.64
CA ARG B 504 9.95 -19.50 -20.85
C ARG B 504 10.76 -19.60 -19.55
N ILE B 505 10.47 -18.73 -18.59
CA ILE B 505 11.20 -18.78 -17.32
C ILE B 505 10.80 -19.97 -16.46
N ASN B 506 9.51 -20.20 -16.29
CA ASN B 506 9.08 -21.34 -15.49
C ASN B 506 9.49 -22.64 -16.16
N SER B 507 9.33 -22.69 -17.49
CA SER B 507 9.71 -23.88 -18.23
C SER B 507 11.10 -24.26 -17.72
N ALA B 508 11.91 -23.23 -17.47
CA ALA B 508 13.28 -23.42 -16.98
C ALA B 508 13.33 -23.63 -15.48
N ALA B 509 12.81 -22.65 -14.74
CA ALA B 509 12.79 -22.70 -13.29
C ALA B 509 12.42 -24.06 -12.73
N ASN B 510 11.27 -24.57 -13.16
CA ASN B 510 10.77 -25.87 -12.70
C ASN B 510 11.74 -26.98 -13.04
N TYR B 511 12.24 -26.98 -14.27
CA TYR B 511 13.22 -27.98 -14.69
C TYR B 511 14.36 -27.97 -13.68
N ALA B 512 14.83 -26.78 -13.33
CA ALA B 512 15.93 -26.63 -12.38
C ALA B 512 15.65 -27.35 -11.06
N LEU B 513 14.42 -27.21 -10.57
CA LEU B 513 14.02 -27.84 -9.32
C LEU B 513 14.26 -29.34 -9.27
N TYR B 514 13.82 -30.03 -10.30
CA TYR B 514 13.99 -31.48 -10.32
C TYR B 514 15.24 -31.94 -11.07
N TYR B 515 16.18 -31.02 -11.30
CA TYR B 515 17.40 -31.36 -12.03
C TYR B 515 18.43 -32.16 -11.23
N SER B 516 18.81 -33.31 -11.78
CA SER B 516 19.75 -34.23 -11.15
C SER B 516 21.14 -34.38 -11.77
N ALA B 517 21.19 -34.56 -13.09
CA ALA B 517 22.44 -34.73 -13.84
C ALA B 517 23.72 -34.38 -13.09
N ASN B 518 23.70 -33.26 -12.35
CA ASN B 518 24.87 -32.82 -11.59
C ASN B 518 25.38 -33.83 -10.57
N LEU B 519 24.90 -35.06 -10.69
CA LEU B 519 25.33 -36.16 -9.84
C LEU B 519 25.65 -37.31 -10.78
N LEU B 520 25.94 -36.95 -12.03
CA LEU B 520 26.27 -37.94 -13.05
C LEU B 520 27.71 -37.86 -13.53
N SER B 521 28.42 -36.77 -13.23
CA SER B 521 29.83 -36.68 -13.64
C SER B 521 30.76 -37.15 -12.50
N ASN B 522 30.15 -37.49 -11.36
CA ASN B 522 30.81 -38.00 -10.11
C ASN B 522 29.85 -38.98 -9.31
N ILE B 523 30.32 -40.18 -8.90
CA ILE B 523 29.50 -41.19 -8.15
C ILE B 523 29.72 -41.29 -6.62
N SER B 524 28.65 -41.63 -5.87
CA SER B 524 28.70 -41.79 -4.39
C SER B 524 28.18 -43.18 -3.90
N THR B 525 28.64 -43.60 -2.70
CA THR B 525 28.32 -44.90 -2.03
C THR B 525 27.86 -46.15 -2.86
#